data_5GJS
#
_entry.id   5GJS
#
_cell.length_a   130.162
_cell.length_b   130.162
_cell.length_c   365.853
_cell.angle_alpha   90.000
_cell.angle_beta   90.000
_cell.angle_gamma   120.000
#
_symmetry.space_group_name_H-M   'H 3 2'
#
loop_
_entity.id
_entity.type
_entity.pdbx_description
1 polymer Hemagglutinin
2 polymer Hemagglutinin
3 polymer 'light chain of human neutralizing antibody 3E1'
4 polymer 'heavy chain of human neutralizing antibody 3E1'
5 branched 2-acetamido-2-deoxy-beta-D-glucopyranose-(1-4)-2-acetamido-2-deoxy-beta-D-glucopyranose
6 non-polymer 2-acetamido-2-deoxy-beta-D-glucopyranose
#
loop_
_entity_poly.entity_id
_entity_poly.type
_entity_poly.pdbx_seq_one_letter_code
_entity_poly.pdbx_strand_id
1 'polypeptide(L)'
;GSDTLCIGYHANNSTDTVDTVLEKNVTVTHSVNLLEDKHNGKLCKLRGVAPLHLGKCNIAGWILGNPECESLSTASSWSY
IVETPSSDNGTCYPGDFIDYEELREQLSSVSSFERFEIFPKTSSWPNHDSNKGVTAACPHAGAKSFYKNLIWLVKKGNSY
PKLSKSYINDKGKEVLVLWGIHHPSTSADQQSLYQNADTYVFVCSSRYSKKFKPEIAICPKVRDQEGRMNYYWTLVEPGD
KITFEATGNLVVPRYAFAMERNAGSGIIISDTPVHDCNTTCQTPKGAINTSLPFQNIHPITIGKCPKYVKSTKLRLATGL
RNIPSIQSR
;
A
2 'polypeptide(L)'
;GLFGAIAGFIEGGWTGMVDGWYGYHHQNEQGSGYAADLKSTQNAIDEITNKVNSVIEKMNTQFTAVGKEFNHLEKRIENL
NKKVDDGFLDIWTYNAELLVLLENERTLDYHDSNVKNLYEKVRSQLKNNAKEIGNGCFEFYHKCDNTCMESVKNGTYDYP
KYSEEAKLNREEIDGVLELVPR
;
B
3 'polypeptide(L)'
;DIQMTQSPATLSASVGDRVSITCRASQSISSWLAWYQQKPGKAPKLLIYKASSLESGVPSRFSGSGSGSEFTLTISSLQP
DDFAIYYCQQYNSYPWTFGQGTKVEIKRTVAAPSVFIFPPSDEQLKSGTASVVCLLNNFYPREAKVQWKVDNALQSGNSQ
ESVTEQDSKDSTYSLSSTLTLSKADYEKHKVYACEVTHQGLSSPVTKSFNRGEC
;
L
4 'polypeptide(L)'
;QVQLQESGPGLVKPSETLSLTCSVSGASISSYYWIWIRQPAGKGLEWIGRFYTSGSPNYNPSLRSRVTMSVDTSKNQFSL
KLTSVTAADTAVYYCAREEHITFGGVIVRYWGQGTLVTVSPASTKGPSVFPLAPSSKSTSGGTAALGCLVKDYFPEPVTV
SWNSGALTSGVHTFPAVLQSSGLYSLSSVVTVPSSSLGTQTYICNVNHKPSNTKVDKKVEPK
;
H
#
loop_
_chem_comp.id
_chem_comp.type
_chem_comp.name
_chem_comp.formula
NAG D-saccharide, beta linking 2-acetamido-2-deoxy-beta-D-glucopyranose 'C8 H15 N O6'
#
# COMPACT_ATOMS: atom_id res chain seq x y z
N SER A 2 48.85 1.53 -24.51
CA SER A 2 48.07 2.55 -23.76
C SER A 2 46.58 2.25 -23.71
N ASP A 3 45.93 2.21 -24.89
CA ASP A 3 44.49 2.00 -25.05
C ASP A 3 44.08 0.63 -24.54
N THR A 4 43.17 0.60 -23.57
CA THR A 4 42.70 -0.66 -22.95
C THR A 4 41.17 -0.80 -22.93
N LEU A 5 40.74 -2.04 -22.71
CA LEU A 5 39.34 -2.40 -22.51
C LEU A 5 39.31 -3.62 -21.60
N CYS A 6 38.49 -3.55 -20.57
CA CYS A 6 38.34 -4.67 -19.67
C CYS A 6 36.92 -5.22 -19.67
N ILE A 7 36.79 -6.48 -19.31
CA ILE A 7 35.49 -7.11 -19.01
C ILE A 7 35.39 -7.29 -17.50
N GLY A 8 34.21 -6.96 -16.95
CA GLY A 8 34.00 -6.99 -15.51
C GLY A 8 32.56 -7.07 -15.09
N TYR A 9 32.38 -7.13 -13.77
CA TYR A 9 31.11 -7.37 -13.15
C TYR A 9 30.87 -6.41 -11.96
N HIS A 10 29.60 -6.31 -11.56
CA HIS A 10 29.15 -5.33 -10.60
C HIS A 10 29.51 -5.70 -9.17
N ALA A 11 29.85 -4.69 -8.40
CA ALA A 11 30.08 -4.84 -6.97
C ALA A 11 29.42 -3.69 -6.25
N ASN A 12 29.01 -3.92 -5.01
CA ASN A 12 28.37 -2.88 -4.24
C ASN A 12 28.71 -2.99 -2.75
N ASN A 13 27.90 -2.32 -1.93
CA ASN A 13 28.08 -2.23 -0.49
C ASN A 13 27.34 -3.36 0.23
N SER A 14 26.70 -4.24 -0.55
CA SER A 14 25.83 -5.31 -0.02
C SER A 14 26.57 -6.27 0.91
N THR A 15 25.93 -6.54 2.05
CA THR A 15 26.49 -7.47 3.04
C THR A 15 25.75 -8.81 3.08
N ASP A 16 24.63 -8.89 2.33
CA ASP A 16 23.76 -10.08 2.22
C ASP A 16 24.51 -11.36 1.89
N THR A 17 24.43 -12.36 2.77
CA THR A 17 25.04 -13.67 2.48
C THR A 17 23.99 -14.71 2.10
N VAL A 18 24.32 -15.53 1.13
CA VAL A 18 23.49 -16.70 0.78
C VAL A 18 24.35 -17.96 0.86
N ASP A 19 23.70 -19.11 0.94
CA ASP A 19 24.41 -20.36 0.98
C ASP A 19 24.16 -21.12 -0.31
N THR A 20 25.20 -21.81 -0.76
CA THR A 20 25.08 -22.69 -1.90
C THR A 20 25.47 -24.04 -1.40
N VAL A 21 25.27 -25.02 -2.26
CA VAL A 21 25.61 -26.38 -1.91
C VAL A 21 27.13 -26.61 -1.85
N LEU A 22 27.92 -25.78 -2.55
CA LEU A 22 29.40 -25.92 -2.53
C LEU A 22 30.14 -25.04 -1.55
N GLU A 23 29.45 -24.02 -1.04
CA GLU A 23 30.10 -22.95 -0.32
C GLU A 23 29.06 -22.26 0.56
N LYS A 24 29.48 -21.94 1.79
CA LYS A 24 28.67 -21.23 2.80
C LYS A 24 29.09 -19.76 2.93
N ASN A 25 28.18 -18.93 3.44
CA ASN A 25 28.41 -17.48 3.68
C ASN A 25 28.99 -16.72 2.48
N VAL A 26 28.37 -16.91 1.31
CA VAL A 26 28.77 -16.21 0.09
C VAL A 26 28.05 -14.87 0.07
N THR A 27 28.84 -13.79 0.09
CA THR A 27 28.29 -12.46 0.03
C THR A 27 27.90 -12.19 -1.40
N VAL A 28 26.66 -11.74 -1.60
CA VAL A 28 26.12 -11.43 -2.93
C VAL A 28 25.65 -9.97 -3.02
N THR A 29 25.58 -9.46 -4.25
CA THR A 29 25.13 -8.07 -4.51
C THR A 29 23.63 -7.87 -4.22
N HIS A 30 22.83 -8.87 -4.60
CA HIS A 30 21.39 -8.77 -4.56
C HIS A 30 20.82 -10.14 -4.23
N SER A 31 19.77 -10.16 -3.43
CA SER A 31 19.18 -11.41 -2.92
C SER A 31 17.69 -11.20 -2.61
N VAL A 32 16.91 -12.27 -2.57
CA VAL A 32 15.53 -12.18 -2.07
C VAL A 32 15.36 -13.14 -0.91
N ASN A 33 14.39 -12.84 -0.07
CA ASN A 33 14.01 -13.76 0.97
C ASN A 33 12.73 -14.52 0.64
N LEU A 34 12.83 -15.85 0.75
CA LEU A 34 11.70 -16.76 0.54
C LEU A 34 10.99 -17.17 1.85
N LEU A 35 11.52 -16.68 2.97
CA LEU A 35 11.06 -17.11 4.29
C LEU A 35 10.33 -15.98 4.99
N GLU A 36 9.05 -16.18 5.27
CA GLU A 36 8.29 -15.18 6.01
C GLU A 36 8.59 -15.31 7.52
N ASP A 37 9.23 -14.28 8.09
CA ASP A 37 9.63 -14.31 9.51
C ASP A 37 9.01 -13.18 10.33
N LYS A 38 7.95 -12.58 9.81
CA LYS A 38 7.29 -11.48 10.50
C LYS A 38 5.77 -11.51 10.40
N HIS A 39 5.15 -11.15 11.52
CA HIS A 39 3.70 -11.15 11.68
C HIS A 39 3.23 -9.84 12.33
N ASN A 40 1.99 -9.43 12.02
CA ASN A 40 1.46 -8.10 12.44
C ASN A 40 1.07 -7.95 13.91
N GLY A 41 0.93 -9.08 14.62
CA GLY A 41 0.61 -9.10 16.04
C GLY A 41 -0.86 -8.88 16.33
N LYS A 42 -1.70 -9.09 15.32
CA LYS A 42 -3.14 -8.90 15.45
C LYS A 42 -3.87 -10.19 15.05
N LEU A 43 -5.15 -10.30 15.42
CA LEU A 43 -6.06 -11.34 14.88
C LEU A 43 -7.05 -10.71 13.90
N CYS A 44 -6.73 -10.85 12.61
CA CYS A 44 -7.44 -10.12 11.56
C CYS A 44 -8.71 -10.83 11.11
N LYS A 45 -9.42 -10.24 10.16
CA LYS A 45 -10.58 -10.86 9.52
C LYS A 45 -10.09 -11.78 8.41
N LEU A 46 -10.48 -13.04 8.49
CA LEU A 46 -10.14 -14.03 7.48
C LEU A 46 -11.18 -14.05 6.35
N ARG A 47 -10.73 -13.93 5.09
CA ARG A 47 -11.61 -13.79 3.90
C ARG A 47 -12.65 -12.64 4.08
N GLY A 48 -12.20 -11.49 4.59
CA GLY A 48 -13.09 -10.37 4.96
C GLY A 48 -14.04 -10.60 6.16
N VAL A 49 -14.20 -11.87 6.57
CA VAL A 49 -15.15 -12.25 7.64
C VAL A 49 -14.47 -12.30 9.02
N ALA A 50 -15.03 -11.57 9.97
CA ALA A 50 -14.43 -11.44 11.30
C ALA A 50 -14.64 -12.69 12.14
N PRO A 51 -13.63 -13.05 12.97
CA PRO A 51 -13.72 -14.19 13.88
C PRO A 51 -14.73 -13.96 14.99
N LEU A 52 -15.04 -15.00 15.75
CA LEU A 52 -15.92 -14.88 16.92
C LEU A 52 -15.08 -14.94 18.20
N HIS A 53 -15.03 -13.83 18.92
CA HIS A 53 -14.13 -13.73 20.07
C HIS A 53 -14.93 -13.79 21.37
N LEU A 54 -14.69 -14.86 22.12
CA LEU A 54 -15.52 -15.20 23.25
C LEU A 54 -15.09 -14.59 24.58
N GLY A 55 -13.91 -13.96 24.60
CA GLY A 55 -13.39 -13.29 25.79
C GLY A 55 -13.08 -14.25 26.92
N LYS A 56 -13.80 -14.12 28.02
CA LYS A 56 -13.56 -14.92 29.21
C LYS A 56 -14.26 -16.29 29.16
N CYS A 57 -15.09 -16.48 28.14
CA CYS A 57 -15.82 -17.75 27.98
C CYS A 57 -15.13 -18.72 27.04
N ASN A 58 -15.51 -19.99 27.19
CA ASN A 58 -15.19 -21.02 26.22
C ASN A 58 -16.47 -21.42 25.50
N ILE A 59 -16.37 -22.35 24.55
CA ILE A 59 -17.53 -22.67 23.73
C ILE A 59 -18.68 -23.20 24.59
N ALA A 60 -18.38 -24.15 25.48
CA ALA A 60 -19.35 -24.64 26.46
C ALA A 60 -20.13 -23.50 27.13
N GLY A 61 -19.40 -22.57 27.73
CA GLY A 61 -19.97 -21.39 28.37
C GLY A 61 -20.85 -20.55 27.48
N TRP A 62 -20.41 -20.32 26.24
CA TRP A 62 -21.17 -19.51 25.30
C TRP A 62 -22.40 -20.25 24.85
N ILE A 63 -22.25 -21.47 24.36
CA ILE A 63 -23.38 -22.18 23.78
C ILE A 63 -24.52 -22.48 24.77
N LEU A 64 -24.18 -22.94 25.98
CA LEU A 64 -25.20 -23.22 27.01
C LEU A 64 -25.84 -21.95 27.55
N GLY A 65 -25.05 -20.89 27.63
CA GLY A 65 -25.48 -19.62 28.21
C GLY A 65 -25.10 -19.41 29.67
N ASN A 66 -23.87 -19.82 30.04
CA ASN A 66 -23.23 -19.42 31.31
C ASN A 66 -23.47 -17.92 31.63
N PRO A 67 -23.97 -17.62 32.85
CA PRO A 67 -24.29 -16.25 33.32
C PRO A 67 -23.17 -15.23 33.20
N GLU A 68 -21.93 -15.69 33.04
CA GLU A 68 -20.82 -14.77 32.83
C GLU A 68 -20.71 -14.38 31.37
N CYS A 69 -21.38 -15.12 30.50
CA CYS A 69 -21.27 -14.92 29.05
C CYS A 69 -22.50 -14.18 28.51
N GLU A 70 -22.93 -13.13 29.21
CA GLU A 70 -24.10 -12.36 28.76
C GLU A 70 -23.73 -11.05 28.05
N SER A 71 -22.49 -11.00 27.57
CA SER A 71 -21.96 -9.88 26.83
C SER A 71 -21.38 -10.36 25.50
N THR A 74 -23.30 -11.97 19.39
CA THR A 74 -22.82 -12.83 18.30
C THR A 74 -23.33 -12.49 16.87
N ALA A 75 -22.41 -12.57 15.90
CA ALA A 75 -22.67 -12.22 14.48
C ALA A 75 -23.40 -13.35 13.74
N SER A 76 -23.81 -13.10 12.49
CA SER A 76 -24.61 -14.07 11.69
C SER A 76 -23.73 -15.14 11.05
N SER A 77 -22.43 -14.86 11.00
CA SER A 77 -21.43 -15.72 10.40
C SER A 77 -20.09 -15.43 11.06
N TRP A 78 -19.13 -16.32 10.87
CA TRP A 78 -17.76 -16.10 11.29
C TRP A 78 -16.78 -17.07 10.60
N SER A 79 -15.54 -16.62 10.49
CA SER A 79 -14.51 -17.35 9.79
C SER A 79 -13.76 -18.29 10.72
N TYR A 80 -13.70 -17.97 12.01
CA TYR A 80 -13.06 -18.86 13.01
C TYR A 80 -13.35 -18.36 14.41
N ILE A 81 -13.07 -19.20 15.40
CA ILE A 81 -13.39 -18.85 16.78
C ILE A 81 -12.12 -18.57 17.58
N VAL A 82 -12.19 -17.58 18.47
CA VAL A 82 -11.05 -17.20 19.30
C VAL A 82 -11.37 -17.33 20.78
N GLU A 83 -10.60 -18.17 21.47
CA GLU A 83 -10.56 -18.23 22.94
C GLU A 83 -9.21 -17.70 23.45
N THR A 84 -9.16 -17.40 24.74
CA THR A 84 -7.92 -16.99 25.38
C THR A 84 -7.51 -18.12 26.32
N PRO A 85 -6.20 -18.24 26.60
CA PRO A 85 -5.71 -19.24 27.54
C PRO A 85 -6.39 -19.22 28.91
N SER A 86 -6.85 -18.06 29.35
CA SER A 86 -7.54 -17.94 30.63
C SER A 86 -9.05 -18.25 30.56
N SER A 87 -9.58 -18.56 29.36
CA SER A 87 -11.03 -18.73 29.17
C SER A 87 -11.60 -19.88 30.01
N ASP A 88 -12.19 -19.52 31.15
CA ASP A 88 -12.60 -20.50 32.17
C ASP A 88 -14.10 -20.76 32.30
N ASN A 89 -14.93 -19.78 31.91
CA ASN A 89 -16.39 -19.88 32.09
C ASN A 89 -16.99 -20.80 31.05
N GLY A 90 -17.26 -22.02 31.48
CA GLY A 90 -17.83 -23.07 30.68
C GLY A 90 -19.01 -23.63 31.42
N THR A 91 -18.88 -24.87 31.88
CA THR A 91 -19.98 -25.54 32.56
C THR A 91 -19.93 -25.26 34.07
N CYS A 92 -20.70 -24.27 34.53
CA CYS A 92 -20.70 -23.89 35.94
C CYS A 92 -21.26 -24.98 36.88
N TYR A 93 -22.19 -25.78 36.38
CA TYR A 93 -22.61 -26.95 37.12
C TYR A 93 -21.82 -28.11 36.59
N PRO A 94 -21.17 -28.87 37.49
CA PRO A 94 -20.29 -29.98 37.10
C PRO A 94 -21.01 -31.12 36.39
N GLY A 95 -20.31 -31.77 35.47
CA GLY A 95 -20.89 -32.84 34.67
C GLY A 95 -20.15 -33.01 33.37
N ASP A 96 -20.63 -33.94 32.54
CA ASP A 96 -19.90 -34.39 31.36
C ASP A 96 -20.55 -33.82 30.09
N PHE A 97 -19.75 -33.13 29.27
CA PHE A 97 -20.28 -32.58 28.04
C PHE A 97 -20.06 -33.56 26.91
N ILE A 98 -21.14 -34.19 26.48
CA ILE A 98 -21.01 -35.24 25.49
C ILE A 98 -20.64 -34.65 24.15
N ASP A 99 -19.54 -35.14 23.58
CA ASP A 99 -19.03 -34.73 22.27
C ASP A 99 -18.75 -33.24 22.19
N TYR A 100 -18.07 -32.72 23.20
CA TYR A 100 -17.69 -31.32 23.23
C TYR A 100 -16.80 -30.97 22.06
N GLU A 101 -15.71 -31.72 21.90
CA GLU A 101 -14.75 -31.50 20.81
C GLU A 101 -15.37 -31.55 19.43
N GLU A 102 -16.39 -32.40 19.23
CA GLU A 102 -17.07 -32.48 17.93
C GLU A 102 -17.94 -31.28 17.65
N LEU A 103 -18.57 -30.76 18.70
CA LEU A 103 -19.42 -29.59 18.60
C LEU A 103 -18.53 -28.40 18.30
N ARG A 104 -17.34 -28.39 18.91
CA ARG A 104 -16.31 -27.37 18.69
C ARG A 104 -15.91 -27.31 17.22
N GLU A 105 -15.50 -28.45 16.66
CA GLU A 105 -15.11 -28.54 15.26
C GLU A 105 -16.32 -28.13 14.38
N GLN A 106 -17.52 -28.47 14.86
CA GLN A 106 -18.73 -28.21 14.09
C GLN A 106 -19.27 -26.79 14.19
N LEU A 107 -18.79 -26.01 15.16
CA LEU A 107 -19.20 -24.62 15.30
C LEU A 107 -18.18 -23.59 14.84
N SER A 108 -17.02 -24.09 14.40
CA SER A 108 -15.83 -23.29 14.21
C SER A 108 -15.95 -22.29 13.07
N SER A 109 -16.79 -22.62 12.09
CA SER A 109 -17.08 -21.69 10.99
C SER A 109 -18.47 -21.91 10.43
N VAL A 110 -19.17 -20.79 10.30
CA VAL A 110 -20.61 -20.76 10.03
C VAL A 110 -20.92 -19.67 8.98
N SER A 111 -22.10 -19.75 8.35
CA SER A 111 -22.48 -18.73 7.37
C SER A 111 -23.82 -18.05 7.66
N SER A 112 -24.71 -18.72 8.39
CA SER A 112 -26.08 -18.22 8.59
C SER A 112 -26.66 -18.46 10.02
N PHE A 113 -25.80 -18.20 11.00
CA PHE A 113 -26.09 -18.47 12.42
C PHE A 113 -27.08 -17.51 13.04
N GLU A 114 -28.00 -18.06 13.86
CA GLU A 114 -28.98 -17.27 14.65
C GLU A 114 -29.57 -18.06 15.85
N ARG A 115 -29.88 -17.33 16.91
CA ARG A 115 -30.40 -17.91 18.14
C ARG A 115 -31.86 -17.55 18.33
N PHE A 116 -32.69 -18.56 18.63
CA PHE A 116 -34.13 -18.35 18.74
C PHE A 116 -34.72 -19.20 19.84
N GLU A 117 -35.80 -18.69 20.44
CA GLU A 117 -36.46 -19.36 21.57
C GLU A 117 -37.28 -20.51 21.01
N ILE A 118 -36.86 -21.74 21.32
CA ILE A 118 -37.46 -22.96 20.74
C ILE A 118 -38.71 -23.40 21.52
N PHE A 119 -38.63 -23.33 22.86
CA PHE A 119 -39.72 -23.66 23.77
C PHE A 119 -39.87 -22.53 24.76
N PRO A 120 -40.72 -21.52 24.40
CA PRO A 120 -40.94 -20.35 25.25
C PRO A 120 -41.26 -20.72 26.70
N LYS A 121 -40.66 -19.97 27.63
CA LYS A 121 -40.85 -20.13 29.06
C LYS A 121 -42.30 -19.82 29.49
N THR A 122 -42.83 -18.70 28.98
CA THR A 122 -44.20 -18.23 29.26
C THR A 122 -45.32 -19.26 28.92
N SER A 123 -45.15 -20.02 27.84
CA SER A 123 -46.22 -20.91 27.35
C SER A 123 -45.95 -22.44 27.33
N SER A 124 -44.68 -22.86 27.18
CA SER A 124 -44.37 -24.27 26.87
C SER A 124 -44.46 -25.29 28.01
N TRP A 125 -44.38 -24.83 29.26
CA TRP A 125 -44.32 -25.70 30.44
C TRP A 125 -45.42 -25.36 31.47
N PRO A 126 -46.71 -25.71 31.16
CA PRO A 126 -47.81 -25.38 32.09
C PRO A 126 -47.90 -26.26 33.35
N ASN A 127 -47.48 -27.52 33.27
CA ASN A 127 -47.59 -28.43 34.42
C ASN A 127 -46.35 -28.48 35.33
N HIS A 128 -45.32 -27.68 35.00
CA HIS A 128 -44.04 -27.70 35.72
C HIS A 128 -43.61 -26.31 36.12
N ASP A 129 -42.67 -26.23 37.08
CA ASP A 129 -42.06 -24.97 37.50
C ASP A 129 -40.77 -24.63 36.72
N SER A 130 -40.80 -23.46 36.06
CA SER A 130 -39.64 -22.95 35.31
C SER A 130 -38.91 -21.77 35.97
N ASN A 131 -39.36 -21.37 37.17
CA ASN A 131 -38.74 -20.27 37.93
C ASN A 131 -37.71 -20.75 38.95
N LYS A 132 -38.02 -21.85 39.63
CA LYS A 132 -37.21 -22.36 40.74
C LYS A 132 -35.95 -23.12 40.30
N GLY A 133 -35.57 -22.98 39.03
CA GLY A 133 -34.47 -23.76 38.46
C GLY A 133 -33.13 -23.04 38.44
N VAL A 134 -32.72 -22.56 39.60
CA VAL A 134 -31.49 -21.79 39.75
C VAL A 134 -30.61 -22.45 40.79
N THR A 135 -29.32 -22.13 40.77
CA THR A 135 -28.37 -22.75 41.68
C THR A 135 -27.25 -21.76 42.04
N ALA A 136 -26.64 -21.94 43.22
CA ALA A 136 -25.47 -21.13 43.62
C ALA A 136 -24.22 -21.39 42.74
N ALA A 137 -24.22 -22.53 42.04
CA ALA A 137 -23.13 -22.91 41.13
C ALA A 137 -23.04 -22.03 39.89
N CYS A 138 -24.14 -21.38 39.51
CA CYS A 138 -24.10 -20.46 38.40
C CYS A 138 -24.60 -19.10 38.84
N PRO A 139 -23.81 -18.40 39.66
CA PRO A 139 -24.28 -17.09 40.13
C PRO A 139 -24.22 -16.03 39.02
N HIS A 140 -25.23 -15.15 38.95
CA HIS A 140 -25.20 -14.01 38.03
C HIS A 140 -24.64 -12.75 38.73
N ALA A 141 -25.49 -12.03 39.47
CA ALA A 141 -25.06 -10.80 40.13
C ALA A 141 -24.75 -11.09 41.59
N GLY A 142 -24.00 -12.18 41.80
CA GLY A 142 -23.82 -12.79 43.11
C GLY A 142 -25.09 -13.45 43.63
N ALA A 143 -26.01 -13.80 42.72
CA ALA A 143 -27.28 -14.42 43.08
C ALA A 143 -27.43 -15.74 42.35
N LYS A 144 -28.08 -16.71 43.02
CA LYS A 144 -28.38 -18.03 42.44
C LYS A 144 -29.04 -17.85 41.08
N SER A 145 -28.40 -18.37 40.03
CA SER A 145 -28.94 -18.29 38.68
C SER A 145 -28.76 -19.62 37.92
N PHE A 146 -28.88 -19.56 36.59
CA PHE A 146 -28.76 -20.72 35.72
C PHE A 146 -28.42 -20.28 34.29
N TYR A 147 -28.31 -21.24 33.37
CA TYR A 147 -28.06 -20.96 31.96
C TYR A 147 -29.23 -20.22 31.29
N LYS A 148 -28.93 -19.27 30.38
CA LYS A 148 -29.96 -18.58 29.60
C LYS A 148 -30.61 -19.45 28.53
N ASN A 149 -29.86 -20.40 27.96
CA ASN A 149 -30.33 -21.24 26.83
C ASN A 149 -31.03 -22.57 27.19
N LEU A 150 -31.02 -22.88 28.49
CA LEU A 150 -31.71 -24.04 29.07
C LEU A 150 -32.50 -23.67 30.30
N ILE A 151 -33.59 -24.39 30.53
CA ILE A 151 -34.43 -24.23 31.73
C ILE A 151 -34.42 -25.53 32.54
N TRP A 152 -34.02 -25.40 33.81
CA TRP A 152 -34.10 -26.46 34.79
C TRP A 152 -35.52 -26.54 35.34
N LEU A 153 -36.25 -27.58 34.93
CA LEU A 153 -37.63 -27.74 35.36
C LEU A 153 -37.72 -28.46 36.68
N VAL A 154 -38.49 -27.88 37.59
CA VAL A 154 -38.78 -28.47 38.89
C VAL A 154 -40.31 -28.74 38.95
N LYS A 155 -40.71 -29.68 39.79
CA LYS A 155 -42.12 -30.02 39.99
C LYS A 155 -42.99 -28.84 40.44
N LYS A 156 -44.27 -28.88 40.07
CA LYS A 156 -45.27 -27.88 40.43
C LYS A 156 -46.16 -28.49 41.51
N GLY A 157 -46.24 -27.84 42.67
CA GLY A 157 -47.03 -28.35 43.80
C GLY A 157 -46.37 -29.56 44.46
N ASN A 158 -46.95 -30.74 44.22
CA ASN A 158 -46.31 -32.02 44.65
C ASN A 158 -46.45 -33.15 43.62
N SER A 159 -46.36 -32.79 42.34
CA SER A 159 -46.39 -33.76 41.23
C SER A 159 -45.60 -33.26 40.01
N TYR A 160 -44.98 -34.20 39.30
CA TYR A 160 -44.21 -33.92 38.11
C TYR A 160 -44.78 -34.87 37.09
N PRO A 161 -45.79 -34.40 36.32
CA PRO A 161 -46.43 -35.26 35.34
C PRO A 161 -45.54 -35.51 34.16
N LYS A 162 -45.73 -36.69 33.55
CA LYS A 162 -45.09 -37.08 32.31
C LYS A 162 -45.04 -35.88 31.39
N LEU A 163 -43.82 -35.56 30.96
CA LEU A 163 -43.52 -34.44 30.12
C LEU A 163 -43.48 -34.96 28.69
N SER A 164 -44.07 -34.17 27.78
CA SER A 164 -44.08 -34.50 26.36
C SER A 164 -44.14 -33.23 25.51
N LYS A 165 -43.01 -32.90 24.88
CA LYS A 165 -42.88 -31.76 23.97
C LYS A 165 -42.06 -32.12 22.77
N SER A 166 -42.49 -31.64 21.61
CA SER A 166 -41.83 -31.92 20.33
C SER A 166 -41.66 -30.62 19.54
N TYR A 167 -40.68 -30.59 18.64
CA TYR A 167 -40.41 -29.42 17.79
C TYR A 167 -40.05 -29.82 16.37
N ILE A 168 -40.80 -29.28 15.42
CA ILE A 168 -40.52 -29.47 13.99
C ILE A 168 -39.63 -28.30 13.58
N ASN A 169 -38.56 -28.62 12.84
CA ASN A 169 -37.65 -27.60 12.32
C ASN A 169 -38.25 -26.92 11.09
N ASP A 170 -38.74 -25.70 11.28
CA ASP A 170 -39.33 -24.90 10.20
C ASP A 170 -38.31 -23.99 9.52
N LYS A 171 -37.13 -23.85 10.15
CA LYS A 171 -36.01 -23.07 9.62
C LYS A 171 -35.46 -23.80 8.43
N GLY A 172 -35.01 -23.04 7.43
CA GLY A 172 -34.52 -23.66 6.18
C GLY A 172 -33.09 -24.20 6.28
N LYS A 173 -32.66 -24.50 7.49
CA LYS A 173 -31.30 -24.93 7.76
C LYS A 173 -31.29 -25.88 8.94
N GLU A 174 -30.12 -26.43 9.25
CA GLU A 174 -29.93 -27.28 10.44
C GLU A 174 -30.09 -26.49 11.71
N VAL A 175 -30.71 -27.11 12.70
CA VAL A 175 -30.91 -26.50 14.00
C VAL A 175 -30.19 -27.31 15.06
N LEU A 176 -29.48 -26.59 15.94
CA LEU A 176 -28.70 -27.17 17.03
C LEU A 176 -29.44 -27.14 18.36
N VAL A 177 -29.76 -28.32 18.85
CA VAL A 177 -30.50 -28.47 20.11
C VAL A 177 -29.55 -28.98 21.20
N LEU A 178 -29.65 -28.40 22.38
CA LEU A 178 -28.89 -28.85 23.52
C LEU A 178 -29.84 -29.05 24.66
N TRP A 179 -29.53 -30.02 25.52
CA TRP A 179 -30.33 -30.26 26.73
C TRP A 179 -29.42 -30.88 27.76
N GLY A 180 -29.89 -30.95 29.00
CA GLY A 180 -29.11 -31.56 30.05
C GLY A 180 -29.90 -32.56 30.86
N ILE A 181 -29.19 -33.55 31.39
CA ILE A 181 -29.76 -34.53 32.30
C ILE A 181 -29.17 -34.28 33.69
N HIS A 182 -30.02 -34.11 34.69
CA HIS A 182 -29.57 -33.90 36.06
C HIS A 182 -29.45 -35.18 36.86
N HIS A 183 -28.35 -35.28 37.63
CA HIS A 183 -28.04 -36.43 38.49
C HIS A 183 -27.80 -35.99 39.93
N PRO A 184 -28.89 -35.92 40.75
CA PRO A 184 -28.78 -35.47 42.14
C PRO A 184 -28.03 -36.47 43.00
N SER A 185 -27.43 -35.93 44.07
CA SER A 185 -26.59 -36.68 45.00
C SER A 185 -27.38 -37.63 45.93
N THR A 186 -28.56 -37.19 46.36
CA THR A 186 -29.36 -37.94 47.33
C THR A 186 -30.78 -38.12 46.84
N SER A 187 -31.43 -39.20 47.27
CA SER A 187 -32.84 -39.49 46.97
C SER A 187 -33.80 -38.47 47.61
N ALA A 188 -33.42 -37.93 48.78
CA ALA A 188 -34.18 -36.86 49.43
C ALA A 188 -34.21 -35.60 48.57
N ASP A 189 -33.06 -35.26 47.96
CA ASP A 189 -32.99 -34.16 47.01
C ASP A 189 -33.82 -34.48 45.76
N GLN A 190 -33.61 -35.68 45.19
CA GLN A 190 -34.33 -36.18 43.99
C GLN A 190 -35.85 -36.07 44.13
N GLN A 191 -36.36 -36.53 45.27
CA GLN A 191 -37.80 -36.49 45.60
C GLN A 191 -38.32 -35.06 45.71
N SER A 192 -37.49 -34.17 46.27
CA SER A 192 -37.85 -32.77 46.51
C SER A 192 -37.87 -31.89 45.27
N LEU A 193 -37.11 -32.28 44.23
CA LEU A 193 -37.13 -31.57 42.95
C LEU A 193 -38.13 -32.16 41.96
N TYR A 194 -38.32 -33.48 42.02
CA TYR A 194 -39.14 -34.19 41.05
C TYR A 194 -40.04 -35.18 41.79
N ASN A 196 -41.47 -37.86 42.35
CA ASN A 196 -41.13 -39.09 41.63
C ASN A 196 -39.84 -39.71 42.13
N ALA A 197 -39.78 -41.04 42.02
CA ALA A 197 -38.62 -41.83 42.45
C ALA A 197 -37.88 -42.49 41.29
N ASP A 198 -38.60 -43.30 40.50
CA ASP A 198 -38.03 -43.94 39.30
C ASP A 198 -38.44 -43.16 38.06
N THR A 199 -37.44 -42.59 37.38
CA THR A 199 -37.68 -41.71 36.25
C THR A 199 -36.81 -42.08 35.04
N TYR A 200 -37.12 -41.46 33.91
CA TYR A 200 -36.41 -41.62 32.63
C TYR A 200 -36.53 -40.32 31.80
N VAL A 201 -35.54 -40.08 30.94
CA VAL A 201 -35.62 -39.03 29.91
C VAL A 201 -35.39 -39.65 28.54
N PHE A 202 -36.25 -39.32 27.60
CA PHE A 202 -36.16 -39.89 26.27
C PHE A 202 -36.16 -38.81 25.20
N VAL A 203 -35.07 -38.74 24.43
CA VAL A 203 -35.01 -37.84 23.26
C VAL A 203 -34.76 -38.63 21.97
N CYS A 204 -35.52 -38.30 20.94
CA CYS A 204 -35.35 -38.89 19.61
C CYS A 204 -35.80 -37.94 18.50
N SER A 205 -35.02 -37.89 17.42
CA SER A 205 -35.49 -37.30 16.17
C SER A 205 -35.76 -38.42 15.19
N SER A 206 -35.69 -38.14 13.90
CA SER A 206 -35.76 -39.20 12.89
C SER A 206 -34.40 -39.89 12.75
N ARG A 207 -33.34 -39.19 13.14
CA ARG A 207 -31.98 -39.70 13.09
C ARG A 207 -31.53 -40.16 14.51
N TYR A 208 -31.55 -39.23 15.46
CA TYR A 208 -31.04 -39.43 16.82
C TYR A 208 -32.09 -40.11 17.71
N SER A 209 -31.62 -40.93 18.67
CA SER A 209 -32.49 -41.57 19.67
C SER A 209 -31.68 -42.10 20.85
N LYS A 210 -31.97 -41.60 22.05
CA LYS A 210 -31.31 -42.05 23.27
C LYS A 210 -32.24 -41.92 24.45
N LYS A 211 -32.24 -42.93 25.32
CA LYS A 211 -32.88 -42.86 26.62
C LYS A 211 -31.80 -42.55 27.67
N PHE A 212 -32.20 -41.86 28.73
CA PHE A 212 -31.28 -41.54 29.82
C PHE A 212 -31.89 -42.02 31.13
N LYS A 213 -31.02 -42.43 32.05
CA LYS A 213 -31.42 -43.01 33.32
C LYS A 213 -30.64 -42.31 34.45
N PRO A 214 -31.36 -41.55 35.32
CA PRO A 214 -30.74 -40.78 36.42
C PRO A 214 -29.91 -41.55 37.47
N GLU A 215 -28.58 -41.55 37.30
CA GLU A 215 -27.64 -42.14 38.27
C GLU A 215 -27.56 -41.23 39.51
N ILE A 216 -28.26 -41.61 40.59
CA ILE A 216 -28.32 -40.81 41.82
C ILE A 216 -27.19 -41.22 42.76
N ALA A 217 -26.24 -40.30 43.02
CA ALA A 217 -25.04 -40.60 43.83
C ALA A 217 -24.31 -39.35 44.35
N ILE A 218 -23.68 -39.49 45.52
CA ILE A 218 -22.88 -38.42 46.11
C ILE A 218 -21.49 -38.47 45.54
N CYS A 219 -21.19 -37.49 44.69
CA CYS A 219 -19.89 -37.37 44.04
C CYS A 219 -18.98 -36.38 44.76
N PRO A 220 -17.66 -36.40 44.46
CA PRO A 220 -16.77 -35.35 44.96
C PRO A 220 -17.35 -33.97 44.71
N LYS A 221 -17.25 -33.11 45.71
CA LYS A 221 -17.78 -31.76 45.68
C LYS A 221 -17.00 -30.86 44.68
N VAL A 222 -17.70 -30.36 43.66
CA VAL A 222 -17.16 -29.40 42.68
C VAL A 222 -18.03 -28.14 42.68
N ARG A 223 -17.40 -26.98 42.91
CA ARG A 223 -18.09 -25.68 42.96
C ARG A 223 -19.28 -25.71 43.96
N ASP A 224 -18.98 -26.21 45.17
CA ASP A 224 -19.94 -26.44 46.25
C ASP A 224 -21.06 -27.43 45.86
N GLN A 225 -20.82 -28.26 44.84
CA GLN A 225 -21.86 -29.16 44.31
C GLN A 225 -21.46 -30.63 44.29
N GLU A 226 -22.28 -31.44 44.97
CA GLU A 226 -22.05 -32.89 45.05
C GLU A 226 -22.84 -33.70 44.01
N GLY A 227 -23.57 -33.01 43.15
CA GLY A 227 -24.32 -33.65 42.07
C GLY A 227 -23.66 -33.45 40.71
N ARG A 228 -24.19 -34.15 39.71
CA ARG A 228 -23.68 -34.03 38.32
C ARG A 228 -24.78 -33.68 37.30
N MET A 229 -24.36 -33.05 36.22
CA MET A 229 -25.27 -32.65 35.14
C MET A 229 -24.60 -32.82 33.79
N ASN A 230 -25.03 -33.84 33.07
CA ASN A 230 -24.45 -34.18 31.81
C ASN A 230 -25.11 -33.41 30.72
N TYR A 231 -24.32 -32.97 29.74
CA TYR A 231 -24.82 -32.07 28.72
C TYR A 231 -24.80 -32.77 27.38
N TYR A 232 -25.93 -32.69 26.68
CA TYR A 232 -26.15 -33.41 25.42
C TYR A 232 -26.54 -32.48 24.30
N TRP A 233 -26.25 -32.88 23.06
CA TRP A 233 -26.65 -32.11 21.89
C TRP A 233 -26.93 -32.95 20.63
N THR A 234 -27.74 -32.43 19.72
CA THR A 234 -27.86 -33.03 18.38
C THR A 234 -28.32 -32.03 17.32
N LEU A 235 -28.00 -32.32 16.06
CA LEU A 235 -28.45 -31.52 14.89
C LEU A 235 -29.77 -32.03 14.32
N VAL A 236 -30.72 -31.13 14.11
CA VAL A 236 -32.03 -31.49 13.55
C VAL A 236 -32.06 -31.13 12.07
N GLU A 237 -32.36 -32.13 11.24
CA GLU A 237 -32.38 -31.99 9.78
C GLU A 237 -33.43 -30.93 9.38
N PRO A 238 -33.18 -30.15 8.29
CA PRO A 238 -34.26 -29.24 7.84
C PRO A 238 -35.55 -30.02 7.50
N GLY A 239 -36.61 -29.77 8.29
CA GLY A 239 -37.90 -30.44 8.11
C GLY A 239 -38.16 -31.63 9.04
N ASP A 240 -37.23 -31.88 9.97
CA ASP A 240 -37.29 -33.03 10.89
C ASP A 240 -37.99 -32.65 12.20
N LYS A 241 -38.45 -33.66 12.95
CA LYS A 241 -39.11 -33.48 14.24
C LYS A 241 -38.24 -34.03 15.39
N ILE A 242 -38.19 -33.32 16.52
CA ILE A 242 -37.44 -33.82 17.70
C ILE A 242 -38.27 -33.85 18.98
N THR A 243 -38.38 -35.04 19.57
CA THR A 243 -39.25 -35.27 20.70
C THR A 243 -38.49 -35.42 22.00
N PHE A 244 -38.94 -34.66 22.98
CA PHE A 244 -38.48 -34.75 24.35
C PHE A 244 -39.59 -35.33 25.17
N GLU A 245 -39.22 -36.27 26.03
CA GLU A 245 -40.17 -36.93 26.89
C GLU A 245 -39.49 -37.21 28.20
N ALA A 246 -40.19 -37.00 29.30
CA ALA A 246 -39.57 -37.18 30.62
C ALA A 246 -40.52 -37.28 31.81
N THR A 247 -40.03 -37.92 32.86
CA THR A 247 -40.72 -37.99 34.15
C THR A 247 -39.85 -37.36 35.25
N GLY A 248 -38.81 -36.65 34.84
CA GLY A 248 -37.90 -35.99 35.79
C GLY A 248 -36.51 -35.75 35.22
N ASN A 249 -35.77 -34.89 35.93
CA ASN A 249 -34.29 -34.70 35.74
C ASN A 249 -33.83 -34.02 34.45
N LEU A 250 -34.77 -33.72 33.55
CA LEU A 250 -34.48 -33.13 32.27
C LEU A 250 -34.28 -31.62 32.35
N VAL A 251 -33.07 -31.16 32.08
CA VAL A 251 -32.85 -29.76 31.87
C VAL A 251 -33.28 -29.52 30.43
N VAL A 252 -34.28 -28.67 30.27
CA VAL A 252 -35.01 -28.57 29.02
C VAL A 252 -34.38 -27.50 28.14
N PRO A 253 -34.53 -27.60 26.80
CA PRO A 253 -34.08 -26.48 25.95
C PRO A 253 -35.03 -25.28 25.98
N ARG A 254 -34.45 -24.08 25.91
CA ARG A 254 -35.23 -22.84 25.81
C ARG A 254 -34.81 -22.11 24.54
N TYR A 255 -33.50 -22.06 24.29
CA TYR A 255 -32.96 -21.48 23.05
C TYR A 255 -32.21 -22.49 22.23
N ALA A 256 -32.57 -22.59 20.96
CA ALA A 256 -31.77 -23.32 20.00
C ALA A 256 -31.13 -22.36 18.99
N PHE A 257 -30.29 -22.91 18.12
CA PHE A 257 -29.54 -22.13 17.17
C PHE A 257 -29.79 -22.68 15.78
N ALA A 258 -30.10 -21.79 14.85
CA ALA A 258 -30.25 -22.16 13.45
C ALA A 258 -28.97 -21.78 12.68
N MET A 259 -28.50 -22.65 11.78
CA MET A 259 -27.17 -22.48 11.13
C MET A 259 -26.92 -23.26 9.82
N GLU A 260 -25.85 -22.85 9.12
CA GLU A 260 -25.27 -23.59 8.02
C GLU A 260 -23.76 -23.53 8.12
N ARG A 261 -23.10 -24.68 7.99
CA ARG A 261 -21.67 -24.80 8.24
C ARG A 261 -20.82 -24.56 7.01
N ASN A 262 -19.54 -24.27 7.23
CA ASN A 262 -18.55 -24.09 6.18
C ASN A 262 -17.33 -24.93 6.55
N ALA A 263 -16.91 -25.82 5.65
CA ALA A 263 -15.91 -26.87 5.97
C ALA A 263 -14.51 -26.41 6.42
N SER A 265 -13.01 -25.07 9.28
CA SER A 265 -12.17 -24.09 9.96
C SER A 265 -11.74 -24.56 11.34
N GLY A 266 -11.14 -23.64 12.11
CA GLY A 266 -10.50 -24.01 13.37
C GLY A 266 -10.73 -23.09 14.55
N ILE A 267 -9.92 -23.28 15.59
CA ILE A 267 -10.05 -22.58 16.86
C ILE A 267 -8.68 -22.13 17.30
N ILE A 268 -8.55 -20.85 17.60
CA ILE A 268 -7.32 -20.28 18.11
C ILE A 268 -7.45 -19.94 19.59
N ILE A 269 -6.45 -20.35 20.37
CA ILE A 269 -6.43 -20.06 21.79
C ILE A 269 -5.31 -19.05 22.07
N SER A 270 -5.67 -17.77 22.02
CA SER A 270 -4.68 -16.71 22.11
C SER A 270 -5.16 -15.45 22.80
N ASP A 271 -4.18 -14.69 23.29
CA ASP A 271 -4.39 -13.40 23.94
C ASP A 271 -4.12 -12.24 22.99
N THR A 272 -3.87 -12.57 21.73
CA THR A 272 -3.49 -11.59 20.72
C THR A 272 -4.67 -10.68 20.38
N PRO A 273 -4.45 -9.34 20.38
CA PRO A 273 -5.52 -8.41 20.03
C PRO A 273 -6.17 -8.62 18.64
N VAL A 274 -7.41 -8.16 18.54
CA VAL A 274 -8.15 -8.19 17.28
C VAL A 274 -7.99 -6.81 16.65
N HIS A 275 -8.19 -6.73 15.34
CA HIS A 275 -8.22 -5.46 14.59
C HIS A 275 -9.08 -5.59 13.33
N ASP A 276 -9.29 -4.46 12.67
CA ASP A 276 -9.97 -4.43 11.39
C ASP A 276 -8.94 -4.52 10.23
N CYS A 277 -8.03 -5.49 10.31
CA CYS A 277 -7.20 -5.86 9.16
C CYS A 277 -7.84 -7.05 8.46
N ASN A 278 -7.47 -7.25 7.20
CA ASN A 278 -7.81 -8.49 6.50
C ASN A 278 -6.56 -9.32 6.38
N THR A 279 -6.73 -10.63 6.45
CA THR A 279 -5.64 -11.54 6.16
C THR A 279 -6.15 -12.73 5.39
N THR A 280 -5.23 -13.45 4.76
CA THR A 280 -5.55 -14.76 4.20
C THR A 280 -4.90 -15.90 5.02
N CYS A 281 -3.99 -15.56 5.93
CA CYS A 281 -3.41 -16.56 6.82
C CYS A 281 -3.37 -16.10 8.27
N GLN A 282 -3.98 -16.88 9.16
CA GLN A 282 -4.02 -16.56 10.59
C GLN A 282 -3.27 -17.54 11.50
N THR A 283 -2.51 -16.93 12.43
CA THR A 283 -1.69 -17.60 13.43
C THR A 283 -2.11 -17.06 14.81
N PRO A 284 -2.06 -17.91 15.87
CA PRO A 284 -2.41 -17.46 17.23
C PRO A 284 -1.70 -16.23 17.75
N LYS A 285 -0.48 -15.95 17.27
CA LYS A 285 0.25 -14.73 17.68
C LYS A 285 0.26 -13.63 16.64
N GLY A 286 -0.36 -13.88 15.48
CA GLY A 286 -0.44 -12.85 14.45
C GLY A 286 -0.86 -13.33 13.08
N ALA A 287 -1.18 -12.38 12.20
CA ALA A 287 -1.51 -12.70 10.82
C ALA A 287 -0.25 -12.56 9.97
N ILE A 288 -0.22 -13.25 8.81
CA ILE A 288 0.91 -13.10 7.90
C ILE A 288 0.53 -12.87 6.47
N ASN A 289 1.42 -12.18 5.76
CA ASN A 289 1.35 -11.96 4.33
C ASN A 289 1.76 -13.25 3.61
N THR A 290 0.99 -13.61 2.60
CA THR A 290 1.22 -14.86 1.90
C THR A 290 2.00 -14.66 0.61
N SER A 291 2.81 -13.61 0.56
CA SER A 291 3.69 -13.37 -0.61
C SER A 291 4.54 -14.62 -0.89
N LEU A 292 5.28 -15.04 0.14
CA LEU A 292 6.34 -16.03 0.03
C LEU A 292 5.88 -17.45 0.39
N PRO A 293 6.53 -18.50 -0.18
CA PRO A 293 6.04 -19.89 0.00
C PRO A 293 6.15 -20.46 1.40
N PHE A 294 7.13 -19.99 2.16
CA PHE A 294 7.47 -20.62 3.44
C PHE A 294 7.46 -19.64 4.60
N GLN A 295 7.24 -20.17 5.79
CA GLN A 295 7.15 -19.35 6.98
C GLN A 295 7.63 -20.10 8.21
N ASN A 296 8.22 -19.36 9.14
CA ASN A 296 8.69 -19.93 10.39
C ASN A 296 7.99 -19.37 11.64
N ILE A 297 6.82 -18.75 11.49
CA ILE A 297 6.12 -18.12 12.62
C ILE A 297 5.51 -19.14 13.57
N HIS A 298 4.67 -20.03 13.01
CA HIS A 298 3.87 -20.98 13.78
C HIS A 298 3.38 -22.18 12.93
N PRO A 299 3.38 -23.41 13.51
CA PRO A 299 2.91 -24.56 12.70
C PRO A 299 1.39 -24.60 12.57
N ILE A 300 0.69 -24.07 13.59
CA ILE A 300 -0.78 -24.02 13.57
C ILE A 300 -1.24 -22.73 12.91
N THR A 301 -1.83 -22.90 11.73
CA THR A 301 -2.29 -21.79 10.94
C THR A 301 -3.69 -22.06 10.46
N ILE A 302 -4.43 -20.99 10.21
CA ILE A 302 -5.73 -21.11 9.57
C ILE A 302 -5.74 -20.33 8.26
N GLY A 303 -6.12 -21.01 7.18
CA GLY A 303 -6.37 -20.36 5.92
C GLY A 303 -5.58 -20.96 4.79
N LYS A 304 -5.30 -20.11 3.80
CA LYS A 304 -4.51 -20.44 2.62
C LYS A 304 -3.11 -19.94 2.96
N CYS A 305 -2.42 -20.76 3.76
CA CYS A 305 -1.20 -20.38 4.44
C CYS A 305 0.09 -20.85 3.78
N PRO A 306 1.22 -20.17 4.07
CA PRO A 306 2.51 -20.67 3.63
C PRO A 306 3.00 -21.87 4.47
N LYS A 307 3.67 -22.83 3.82
CA LYS A 307 4.14 -24.06 4.47
C LYS A 307 5.17 -23.78 5.56
N TYR A 308 4.89 -24.33 6.75
CA TYR A 308 5.74 -24.12 7.91
C TYR A 308 7.06 -24.91 7.81
N VAL A 309 8.15 -24.24 8.17
CA VAL A 309 9.50 -24.81 8.16
C VAL A 309 10.29 -24.38 9.41
N LYS A 310 11.37 -25.10 9.72
CA LYS A 310 12.24 -24.80 10.86
C LYS A 310 13.51 -23.97 10.54
N SER A 311 13.58 -23.37 9.34
CA SER A 311 14.72 -22.54 8.91
C SER A 311 14.69 -21.16 9.55
N THR A 312 15.85 -20.51 9.60
CA THR A 312 15.98 -19.13 10.09
C THR A 312 16.24 -18.15 8.93
N LYS A 313 16.87 -18.66 7.87
CA LYS A 313 17.01 -17.94 6.59
C LYS A 313 16.86 -18.85 5.37
N LEU A 314 16.16 -18.34 4.36
CA LEU A 314 16.06 -18.97 3.05
C LEU A 314 16.25 -17.86 2.04
N ARG A 315 17.49 -17.70 1.63
CA ARG A 315 17.84 -16.56 0.84
C ARG A 315 18.31 -17.03 -0.51
N LEU A 316 17.53 -16.69 -1.52
CA LEU A 316 17.78 -17.11 -2.87
C LEU A 316 18.47 -15.93 -3.54
N ALA A 317 19.71 -16.16 -3.98
CA ALA A 317 20.56 -15.14 -4.60
C ALA A 317 20.02 -14.75 -5.96
N THR A 318 19.90 -13.44 -6.18
CA THR A 318 19.51 -12.88 -7.48
C THR A 318 20.71 -12.23 -8.14
N GLY A 319 21.47 -11.47 -7.35
CA GLY A 319 22.70 -10.87 -7.84
C GLY A 319 23.84 -11.85 -7.94
N LEU A 320 25.05 -11.32 -8.12
CA LEU A 320 26.24 -12.14 -8.29
C LEU A 320 27.18 -11.96 -7.11
N ARG A 321 28.29 -12.71 -7.09
CA ARG A 321 29.22 -12.68 -5.96
C ARG A 321 29.80 -11.27 -5.80
N ASN A 322 29.65 -10.73 -4.60
CA ASN A 322 30.05 -9.35 -4.30
C ASN A 322 31.48 -9.40 -3.79
N ILE A 323 32.43 -9.07 -4.68
CA ILE A 323 33.84 -9.03 -4.32
C ILE A 323 34.40 -7.64 -4.69
N PRO A 324 34.38 -6.67 -3.75
CA PRO A 324 35.09 -5.42 -4.06
C PRO A 324 36.62 -5.57 -3.88
N SER A 325 37.15 -6.73 -4.31
CA SER A 325 38.58 -7.12 -4.22
C SER A 325 39.12 -7.07 -2.79
N GLY B 4 35.27 -20.59 -14.71
CA GLY B 4 36.20 -19.84 -13.83
C GLY B 4 36.61 -18.48 -14.40
N ALA B 5 35.66 -17.53 -14.41
CA ALA B 5 35.92 -16.14 -14.80
C ALA B 5 35.84 -15.15 -13.61
N ILE B 6 34.85 -15.35 -12.73
CA ILE B 6 34.70 -14.59 -11.47
C ILE B 6 35.53 -15.24 -10.36
N ALA B 7 36.44 -14.48 -9.75
CA ALA B 7 37.37 -14.94 -8.69
C ALA B 7 38.24 -16.12 -9.12
N PHE B 9 39.59 -15.63 -13.06
CA PHE B 9 40.79 -14.85 -13.39
C PHE B 9 40.63 -13.33 -13.21
N ILE B 10 39.36 -12.89 -13.16
CA ILE B 10 39.00 -11.50 -12.84
C ILE B 10 38.70 -11.46 -11.34
N GLU B 11 39.73 -11.16 -10.56
CA GLU B 11 39.69 -11.25 -9.09
C GLU B 11 38.46 -10.60 -8.49
N GLY B 12 38.24 -9.32 -8.82
CA GLY B 12 37.20 -8.51 -8.20
C GLY B 12 36.12 -7.95 -9.10
N GLY B 13 35.24 -7.18 -8.47
CA GLY B 13 34.13 -6.52 -9.13
C GLY B 13 34.25 -5.03 -8.99
N TRP B 14 33.51 -4.31 -9.85
CA TRP B 14 33.66 -2.88 -9.98
C TRP B 14 32.55 -2.13 -9.27
N THR B 15 32.87 -1.46 -8.15
CA THR B 15 31.86 -0.59 -7.53
C THR B 15 31.64 0.66 -8.40
N GLY B 16 32.60 0.93 -9.29
CA GLY B 16 32.49 2.03 -10.26
C GLY B 16 31.44 1.79 -11.35
N MET B 17 31.14 0.53 -11.64
CA MET B 17 30.12 0.21 -12.66
C MET B 17 28.74 0.03 -12.03
N VAL B 18 27.92 1.04 -12.22
CA VAL B 18 26.75 1.30 -11.39
C VAL B 18 25.44 0.93 -12.10
N ASP B 19 25.47 0.76 -13.43
CA ASP B 19 24.24 0.69 -14.25
C ASP B 19 23.98 -0.65 -14.96
N GLY B 20 24.40 -1.74 -14.33
CA GLY B 20 24.26 -3.09 -14.90
C GLY B 20 25.05 -4.12 -14.11
N TRP B 21 24.79 -5.40 -14.38
CA TRP B 21 25.51 -6.47 -13.70
C TRP B 21 26.79 -6.81 -14.45
N TYR B 22 26.72 -6.77 -15.78
CA TYR B 22 27.89 -6.99 -16.63
C TYR B 22 28.26 -5.73 -17.42
N GLY B 23 29.54 -5.60 -17.79
CA GLY B 23 29.95 -4.49 -18.62
C GLY B 23 31.42 -4.38 -18.96
N TYR B 24 31.82 -3.15 -19.25
CA TYR B 24 33.14 -2.87 -19.77
C TYR B 24 33.74 -1.65 -19.15
N HIS B 25 35.05 -1.68 -19.00
CA HIS B 25 35.80 -0.49 -18.76
C HIS B 25 36.80 -0.27 -19.89
N HIS B 26 36.86 0.97 -20.38
CA HIS B 26 37.75 1.33 -21.50
C HIS B 26 38.71 2.49 -21.17
N GLN B 27 39.70 2.67 -22.03
CA GLN B 27 40.64 3.77 -21.94
C GLN B 27 41.25 4.04 -23.32
N ASN B 28 41.23 5.31 -23.72
CA ASN B 28 41.81 5.78 -24.97
C ASN B 28 42.25 7.25 -24.83
N GLU B 29 42.55 7.89 -25.97
CA GLU B 29 42.84 9.34 -26.01
C GLU B 29 41.64 10.13 -25.49
N GLN B 30 40.46 9.84 -26.04
CA GLN B 30 39.22 10.57 -25.71
C GLN B 30 38.82 10.46 -24.23
N GLY B 31 39.22 9.37 -23.58
CA GLY B 31 38.94 9.20 -22.16
C GLY B 31 38.47 7.82 -21.77
N SER B 32 38.31 7.64 -20.47
CA SER B 32 38.03 6.34 -19.86
C SER B 32 36.78 6.32 -18.99
N GLY B 33 36.06 5.22 -19.03
CA GLY B 33 34.89 5.04 -18.18
C GLY B 33 34.32 3.64 -18.20
N TYR B 34 33.59 3.33 -17.13
CA TYR B 34 32.80 2.11 -17.07
C TYR B 34 31.58 2.28 -17.95
N ALA B 35 31.25 1.23 -18.68
CA ALA B 35 30.03 1.20 -19.47
C ALA B 35 29.38 -0.17 -19.36
N ALA B 36 28.16 -0.19 -18.81
CA ALA B 36 27.38 -1.41 -18.61
C ALA B 36 26.83 -1.95 -19.92
N ASP B 37 26.68 -3.26 -19.97
CA ASP B 37 26.06 -3.94 -21.12
C ASP B 37 24.62 -4.29 -20.74
N LEU B 38 23.68 -3.48 -21.25
CA LEU B 38 22.27 -3.58 -20.85
C LEU B 38 21.62 -4.88 -21.29
N LYS B 39 21.87 -5.28 -22.54
CA LYS B 39 21.19 -6.43 -23.13
C LYS B 39 21.47 -7.77 -22.39
N SER B 40 22.74 -8.03 -22.06
CA SER B 40 23.10 -9.19 -21.21
C SER B 40 22.52 -9.06 -19.80
N THR B 41 22.57 -7.87 -19.23
CA THR B 41 21.96 -7.58 -17.91
C THR B 41 20.45 -7.75 -17.91
N GLN B 42 19.79 -7.26 -18.96
CA GLN B 42 18.35 -7.32 -19.08
C GLN B 42 17.87 -8.75 -19.12
N ASN B 43 18.56 -9.57 -19.92
CA ASN B 43 18.24 -11.00 -20.02
C ASN B 43 18.47 -11.70 -18.70
N ALA B 44 19.62 -11.48 -18.11
CA ALA B 44 19.94 -12.11 -16.85
C ALA B 44 18.83 -11.84 -15.81
N ILE B 45 18.46 -10.56 -15.66
CA ILE B 45 17.39 -10.17 -14.75
C ILE B 45 16.05 -10.78 -15.16
N ASP B 46 15.72 -10.79 -16.45
CA ASP B 46 14.44 -11.35 -16.89
C ASP B 46 14.37 -12.87 -16.60
N GLU B 47 15.48 -13.58 -16.83
CA GLU B 47 15.53 -15.03 -16.59
C GLU B 47 15.57 -15.39 -15.09
N ILE B 48 16.42 -14.68 -14.32
CA ILE B 48 16.47 -14.85 -12.87
C ILE B 48 15.12 -14.52 -12.16
N THR B 49 14.42 -13.43 -12.53
CA THR B 49 13.06 -13.22 -11.95
C THR B 49 12.14 -14.40 -12.27
N ASN B 50 12.21 -14.90 -13.49
CA ASN B 50 11.36 -16.03 -13.85
C ASN B 50 11.66 -17.23 -12.94
N LYS B 51 12.93 -17.38 -12.61
CA LYS B 51 13.41 -18.38 -11.67
C LYS B 51 12.84 -18.16 -10.28
N VAL B 52 12.94 -16.93 -9.76
CA VAL B 52 12.50 -16.60 -8.38
C VAL B 52 10.97 -16.81 -8.29
N ASN B 53 10.26 -16.26 -9.27
CA ASN B 53 8.81 -16.40 -9.41
C ASN B 53 8.31 -17.84 -9.58
N SER B 54 9.16 -18.74 -10.07
CA SER B 54 8.79 -20.15 -10.19
C SER B 54 8.81 -20.86 -8.82
N VAL B 55 9.88 -20.65 -8.06
CA VAL B 55 9.95 -21.12 -6.67
C VAL B 55 8.78 -20.60 -5.78
N ILE B 56 8.33 -19.36 -6.03
CA ILE B 56 7.28 -18.74 -5.23
C ILE B 56 5.90 -19.02 -5.75
N GLU B 57 5.64 -18.65 -7.01
CA GLU B 57 4.24 -18.66 -7.49
C GLU B 57 3.66 -20.07 -7.59
N LYS B 58 4.53 -21.06 -7.86
CA LYS B 58 4.15 -22.49 -7.94
C LYS B 58 3.53 -23.09 -6.69
N MET B 59 3.74 -22.42 -5.55
CA MET B 59 3.20 -22.84 -4.27
C MET B 59 1.75 -22.38 -4.21
N ASN B 60 0.85 -23.22 -4.72
CA ASN B 60 -0.59 -22.95 -4.64
C ASN B 60 -1.21 -23.79 -3.50
N THR B 61 -1.48 -23.14 -2.37
CA THR B 61 -1.88 -23.88 -1.16
C THR B 61 -3.39 -24.07 -1.00
N GLN B 62 -3.74 -25.20 -0.38
CA GLN B 62 -5.10 -25.54 -0.04
C GLN B 62 -5.49 -24.81 1.25
N PHE B 63 -6.76 -24.42 1.36
CA PHE B 63 -7.28 -23.87 2.62
C PHE B 63 -7.25 -24.93 3.73
N THR B 64 -6.46 -24.65 4.76
CA THR B 64 -6.31 -25.57 5.89
C THR B 64 -6.46 -24.84 7.22
N ALA B 65 -7.12 -25.51 8.16
CA ALA B 65 -6.98 -25.18 9.57
C ALA B 65 -6.16 -26.31 10.23
N VAL B 66 -4.85 -26.07 10.40
CA VAL B 66 -3.89 -27.08 10.92
C VAL B 66 -4.28 -27.62 12.30
N GLY B 67 -4.89 -26.77 13.12
CA GLY B 67 -5.27 -27.10 14.51
C GLY B 67 -6.33 -28.19 14.65
N LYS B 68 -6.22 -28.94 15.74
CA LYS B 68 -7.16 -30.00 16.08
C LYS B 68 -7.22 -30.11 17.61
N GLU B 69 -8.33 -30.64 18.11
CA GLU B 69 -8.53 -30.78 19.56
C GLU B 69 -9.04 -32.16 19.88
N PHE B 70 -8.37 -32.83 20.84
CA PHE B 70 -8.75 -34.18 21.32
C PHE B 70 -8.86 -34.22 22.84
N ASN B 71 -9.65 -35.15 23.37
CA ASN B 71 -9.78 -35.29 24.82
C ASN B 71 -8.74 -36.25 25.43
N HIS B 72 -8.80 -36.43 26.77
CA HIS B 72 -7.87 -37.27 27.53
C HIS B 72 -7.86 -38.76 27.16
N LEU B 73 -8.85 -39.19 26.35
CA LEU B 73 -9.00 -40.58 25.89
C LEU B 73 -8.76 -40.78 24.39
N GLU B 74 -8.15 -39.79 23.77
CA GLU B 74 -7.91 -39.79 22.34
C GLU B 74 -6.47 -39.46 22.05
N LYS B 75 -5.59 -39.87 22.97
CA LYS B 75 -4.17 -39.57 22.88
C LYS B 75 -3.52 -40.12 21.60
N ARG B 76 -4.05 -41.23 21.07
CA ARG B 76 -3.47 -41.90 19.89
C ARG B 76 -3.66 -41.11 18.58
N ILE B 77 -4.88 -40.63 18.32
CA ILE B 77 -5.14 -39.77 17.14
C ILE B 77 -4.46 -38.41 17.29
N GLU B 78 -4.42 -37.92 18.53
CA GLU B 78 -3.58 -36.76 18.86
C GLU B 78 -2.18 -36.96 18.27
N ASN B 79 -1.51 -38.07 18.63
CA ASN B 79 -0.17 -38.38 18.15
C ASN B 79 -0.08 -38.74 16.67
N LEU B 80 -1.19 -39.24 16.11
CA LEU B 80 -1.29 -39.39 14.68
C LEU B 80 -1.30 -38.01 14.00
N ASN B 81 -2.04 -37.05 14.58
CA ASN B 81 -2.16 -35.68 14.06
C ASN B 81 -0.80 -35.02 14.07
N LYS B 82 -0.11 -35.18 15.21
CA LYS B 82 1.20 -34.61 15.43
C LYS B 82 2.24 -35.20 14.45
N LYS B 83 2.13 -36.50 14.17
CA LYS B 83 2.97 -37.17 13.19
C LYS B 83 2.79 -36.61 11.78
N VAL B 84 1.54 -36.30 11.42
CA VAL B 84 1.21 -35.61 10.17
C VAL B 84 1.84 -34.21 10.13
N ASP B 85 1.64 -33.41 11.18
CA ASP B 85 2.25 -32.06 11.20
C ASP B 85 3.80 -32.11 11.12
N ASP B 86 4.41 -33.02 11.87
CA ASP B 86 5.88 -33.14 11.96
C ASP B 86 6.57 -33.80 10.73
N GLY B 87 5.85 -34.70 10.05
CA GLY B 87 6.31 -35.32 8.83
C GLY B 87 6.35 -34.31 7.70
N PHE B 88 5.29 -33.51 7.57
CA PHE B 88 5.25 -32.42 6.60
C PHE B 88 6.27 -31.33 6.91
N LEU B 89 6.47 -31.03 8.20
CA LEU B 89 7.44 -30.05 8.61
C LEU B 89 8.82 -30.48 8.11
N ASP B 90 9.16 -31.74 8.36
CA ASP B 90 10.45 -32.27 7.99
C ASP B 90 10.66 -32.26 6.49
N ILE B 91 9.66 -32.70 5.73
CA ILE B 91 9.73 -32.71 4.27
C ILE B 91 9.96 -31.31 3.71
N TRP B 92 9.10 -30.37 4.10
CA TRP B 92 9.23 -28.98 3.64
C TRP B 92 10.56 -28.35 4.02
N THR B 93 10.98 -28.53 5.29
CA THR B 93 12.24 -27.92 5.77
C THR B 93 13.43 -28.36 4.90
N TYR B 94 13.55 -29.69 4.74
CA TYR B 94 14.60 -30.32 3.98
C TYR B 94 14.58 -29.77 2.56
N ASN B 95 13.43 -29.91 1.88
CA ASN B 95 13.30 -29.51 0.49
C ASN B 95 13.60 -28.07 0.25
N ALA B 96 13.12 -27.21 1.15
CA ALA B 96 13.32 -25.76 1.04
C ALA B 96 14.81 -25.39 1.17
N GLU B 97 15.49 -26.00 2.14
CA GLU B 97 16.93 -25.83 2.30
C GLU B 97 17.69 -26.19 1.04
N LEU B 98 17.42 -27.38 0.51
CA LEU B 98 18.13 -27.85 -0.69
C LEU B 98 17.85 -27.07 -1.97
N LEU B 99 16.56 -26.87 -2.25
CA LEU B 99 16.11 -26.02 -3.32
C LEU B 99 16.90 -24.71 -3.38
N VAL B 100 17.02 -24.00 -2.24
CA VAL B 100 17.92 -22.85 -2.09
C VAL B 100 19.39 -23.19 -2.39
N LEU B 101 19.95 -24.21 -1.74
CA LEU B 101 21.37 -24.50 -1.91
C LEU B 101 21.74 -24.79 -3.37
N LEU B 102 20.80 -25.39 -4.10
CA LEU B 102 21.07 -25.89 -5.45
C LEU B 102 20.85 -24.84 -6.50
N GLU B 103 19.80 -24.06 -6.32
CA GLU B 103 19.53 -22.97 -7.24
C GLU B 103 20.49 -21.80 -7.06
N ASN B 104 20.97 -21.64 -5.83
CA ASN B 104 22.02 -20.69 -5.57
C ASN B 104 23.32 -21.08 -6.30
N GLU B 105 23.68 -22.36 -6.27
CA GLU B 105 24.83 -22.78 -7.05
C GLU B 105 24.69 -22.40 -8.52
N ARG B 106 23.56 -22.78 -9.11
CA ARG B 106 23.29 -22.53 -10.55
C ARG B 106 23.27 -21.04 -10.93
N THR B 107 22.58 -20.22 -10.14
CA THR B 107 22.56 -18.75 -10.33
C THR B 107 23.98 -18.19 -10.50
N LEU B 108 24.81 -18.43 -9.48
CA LEU B 108 26.20 -18.01 -9.47
C LEU B 108 27.03 -18.56 -10.61
N ASP B 109 26.77 -19.82 -10.98
CA ASP B 109 27.36 -20.37 -12.17
C ASP B 109 26.94 -19.62 -13.44
N TYR B 110 25.63 -19.38 -13.57
CA TYR B 110 25.02 -18.61 -14.67
C TYR B 110 25.75 -17.25 -14.87
N HIS B 111 25.85 -16.48 -13.78
CA HIS B 111 26.56 -15.22 -13.77
C HIS B 111 28.00 -15.34 -14.24
N ASP B 112 28.69 -16.36 -13.75
CA ASP B 112 30.05 -16.69 -14.21
C ASP B 112 30.02 -17.04 -15.69
N SER B 113 29.05 -17.86 -16.09
CA SER B 113 28.88 -18.26 -17.45
C SER B 113 28.74 -17.04 -18.39
N ASN B 114 27.93 -16.06 -18.01
CA ASN B 114 27.70 -14.87 -18.86
C ASN B 114 28.93 -14.00 -19.08
N VAL B 115 29.63 -13.70 -17.98
CA VAL B 115 30.91 -12.98 -18.02
C VAL B 115 31.84 -13.70 -18.98
N LYS B 116 32.07 -14.98 -18.73
CA LYS B 116 32.95 -15.81 -19.55
C LYS B 116 32.65 -15.61 -21.02
N ASN B 117 31.37 -15.77 -21.39
CA ASN B 117 30.91 -15.60 -22.77
C ASN B 117 31.07 -14.20 -23.36
N LEU B 118 31.05 -13.20 -22.48
CA LEU B 118 31.29 -11.82 -22.86
C LEU B 118 32.76 -11.61 -23.20
N TYR B 119 33.64 -11.99 -22.27
CA TYR B 119 35.09 -12.01 -22.49
C TYR B 119 35.52 -12.88 -23.68
N GLU B 120 34.84 -14.01 -23.90
CA GLU B 120 35.17 -14.91 -25.01
C GLU B 120 34.78 -14.32 -26.37
N LYS B 121 33.62 -13.64 -26.42
CA LYS B 121 33.14 -12.95 -27.64
C LYS B 121 34.12 -11.83 -28.10
N VAL B 122 34.71 -11.14 -27.11
CA VAL B 122 35.68 -10.06 -27.36
C VAL B 122 37.00 -10.60 -27.89
N ARG B 123 37.59 -11.55 -27.14
CA ARG B 123 38.80 -12.30 -27.51
C ARG B 123 38.70 -12.93 -28.90
N SER B 124 37.50 -13.39 -29.25
CA SER B 124 37.23 -14.02 -30.55
C SER B 124 37.42 -13.08 -31.74
N GLN B 125 37.03 -11.81 -31.56
CA GLN B 125 37.09 -10.82 -32.62
C GLN B 125 38.48 -10.20 -32.76
N LEU B 126 39.03 -9.72 -31.63
CA LEU B 126 40.31 -8.99 -31.57
C LEU B 126 41.52 -9.77 -32.05
N LYS B 127 41.51 -11.09 -31.81
CA LYS B 127 42.59 -11.99 -32.21
C LYS B 127 43.96 -11.43 -31.81
N ASN B 128 44.72 -10.94 -32.80
CA ASN B 128 46.13 -10.55 -32.60
C ASN B 128 46.38 -9.05 -32.30
N ASN B 129 45.35 -8.22 -32.54
CA ASN B 129 45.44 -6.75 -32.37
C ASN B 129 45.65 -6.30 -30.93
N ALA B 130 45.41 -7.19 -29.98
CA ALA B 130 45.55 -6.90 -28.56
C ALA B 130 46.21 -8.03 -27.78
N LYS B 131 46.74 -7.68 -26.61
CA LYS B 131 47.44 -8.60 -25.70
C LYS B 131 46.59 -8.89 -24.46
N GLU B 132 46.37 -10.18 -24.20
CA GLU B 132 45.70 -10.63 -22.97
C GLU B 132 46.66 -10.50 -21.79
N ILE B 133 46.53 -9.42 -21.03
CA ILE B 133 47.44 -9.12 -19.89
C ILE B 133 47.04 -9.82 -18.59
N GLY B 134 46.10 -10.77 -18.69
CA GLY B 134 45.45 -11.38 -17.52
C GLY B 134 44.36 -10.47 -17.01
N ASN B 135 43.96 -10.66 -15.75
CA ASN B 135 43.04 -9.74 -15.04
C ASN B 135 41.81 -9.31 -15.88
N GLY B 136 41.39 -10.18 -16.80
CA GLY B 136 40.35 -9.88 -17.78
C GLY B 136 40.52 -8.79 -18.84
N CYS B 137 41.68 -8.12 -18.85
CA CYS B 137 41.88 -6.94 -19.70
C CYS B 137 42.60 -7.20 -21.02
N PHE B 138 42.17 -6.49 -22.05
CA PHE B 138 42.86 -6.43 -23.33
C PHE B 138 43.62 -5.11 -23.48
N GLU B 139 44.91 -5.22 -23.79
CA GLU B 139 45.76 -4.06 -24.10
C GLU B 139 46.05 -3.99 -25.60
N PHE B 140 45.42 -3.00 -26.25
CA PHE B 140 45.51 -2.78 -27.69
C PHE B 140 46.91 -2.41 -28.15
N TYR B 141 47.30 -2.98 -29.28
CA TYR B 141 48.55 -2.62 -29.93
C TYR B 141 48.36 -1.33 -30.72
N HIS B 142 47.19 -1.18 -31.33
CA HIS B 142 46.82 0.01 -32.09
C HIS B 142 45.97 0.98 -31.27
N LYS B 143 45.69 2.13 -31.86
CA LYS B 143 44.81 3.13 -31.26
C LYS B 143 43.35 2.77 -31.53
N CYS B 144 42.60 2.56 -30.46
CA CYS B 144 41.17 2.26 -30.54
C CYS B 144 40.33 3.37 -29.89
N ASP B 145 39.73 4.18 -30.76
CA ASP B 145 38.86 5.28 -30.35
C ASP B 145 37.50 4.76 -29.88
N ASN B 146 36.65 5.68 -29.40
CA ASN B 146 35.31 5.35 -28.91
C ASN B 146 34.50 4.55 -29.91
N THR B 147 34.52 4.99 -31.18
CA THR B 147 33.79 4.30 -32.25
C THR B 147 34.22 2.83 -32.39
N CYS B 148 35.53 2.63 -32.53
CA CYS B 148 36.18 1.31 -32.50
C CYS B 148 35.79 0.51 -31.25
N MET B 149 35.84 1.18 -30.10
CA MET B 149 35.46 0.61 -28.80
C MET B 149 33.99 0.20 -28.77
N GLU B 150 33.14 0.98 -29.44
CA GLU B 150 31.71 0.67 -29.57
C GLU B 150 31.46 -0.61 -30.36
N SER B 151 32.06 -0.70 -31.55
CA SER B 151 31.87 -1.85 -32.45
C SER B 151 32.15 -3.19 -31.77
N VAL B 152 33.16 -3.21 -30.91
CA VAL B 152 33.51 -4.39 -30.11
C VAL B 152 32.33 -4.74 -29.19
N LYS B 153 31.82 -3.75 -28.47
CA LYS B 153 30.73 -3.94 -27.52
C LYS B 153 29.49 -4.56 -28.18
N ASN B 154 29.08 -4.02 -29.33
CA ASN B 154 27.93 -4.59 -30.07
C ASN B 154 28.34 -5.63 -31.14
N GLY B 155 29.59 -6.08 -31.07
CA GLY B 155 30.10 -7.18 -31.90
C GLY B 155 30.02 -6.97 -33.39
N THR B 156 30.71 -5.94 -33.88
CA THR B 156 30.83 -5.67 -35.33
C THR B 156 32.25 -5.23 -35.65
N TYR B 157 33.18 -5.51 -34.73
CA TYR B 157 34.55 -5.07 -34.84
C TYR B 157 35.24 -5.68 -36.07
N ASP B 158 35.98 -4.84 -36.80
CA ASP B 158 36.65 -5.24 -38.05
C ASP B 158 38.14 -5.46 -37.80
N TYR B 159 38.55 -6.73 -37.77
CA TYR B 159 39.94 -7.11 -37.45
C TYR B 159 41.00 -6.56 -38.43
N PRO B 160 40.90 -6.89 -39.75
CA PRO B 160 42.01 -6.56 -40.66
C PRO B 160 42.45 -5.10 -40.64
N LYS B 161 41.48 -4.18 -40.60
CA LYS B 161 41.75 -2.76 -40.81
C LYS B 161 42.55 -2.04 -39.71
N TYR B 162 43.08 -2.81 -38.76
CA TYR B 162 44.02 -2.31 -37.74
C TYR B 162 45.33 -3.13 -37.61
N SER B 163 45.37 -4.34 -38.18
CA SER B 163 46.44 -5.33 -37.94
C SER B 163 47.84 -4.93 -38.41
N GLU B 164 47.92 -4.21 -39.53
CA GLU B 164 49.18 -3.67 -40.05
C GLU B 164 49.74 -2.58 -39.13
N GLU B 165 48.86 -1.77 -38.56
CA GLU B 165 49.20 -0.76 -37.55
C GLU B 165 49.54 -1.44 -36.22
N ALA B 166 48.92 -2.59 -35.97
CA ALA B 166 49.19 -3.40 -34.78
C ALA B 166 50.43 -4.28 -34.94
N LYS B 167 50.74 -4.65 -36.19
CA LYS B 167 51.95 -5.43 -36.52
C LYS B 167 53.22 -4.64 -36.24
N LEU B 168 53.16 -3.32 -36.46
CA LEU B 168 54.30 -2.43 -36.17
C LEU B 168 54.70 -2.51 -34.70
N ASN B 169 53.71 -2.42 -33.81
CA ASN B 169 53.97 -2.43 -32.36
C ASN B 169 54.18 -3.84 -31.78
N ARG B 170 53.73 -4.86 -32.50
CA ARG B 170 53.88 -6.28 -32.13
C ARG B 170 55.36 -6.67 -32.09
N GLU B 171 56.13 -6.10 -33.03
CA GLU B 171 57.59 -6.23 -33.09
C GLU B 171 58.26 -5.09 -32.32
N ASP C 1 11.93 7.69 -29.25
CA ASP C 1 12.02 6.47 -30.12
C ASP C 1 10.98 5.38 -29.74
N ILE C 2 10.70 5.22 -28.45
CA ILE C 2 9.63 4.31 -28.03
C ILE C 2 8.47 5.10 -27.46
N GLN C 3 7.35 5.10 -28.19
CA GLN C 3 6.15 5.83 -27.78
C GLN C 3 5.43 5.10 -26.66
N MET C 4 5.07 5.85 -25.63
CA MET C 4 4.27 5.35 -24.50
C MET C 4 2.90 5.98 -24.57
N THR C 5 1.87 5.15 -24.76
CA THR C 5 0.49 5.63 -24.92
C THR C 5 -0.40 5.20 -23.76
N GLN C 6 -0.85 6.20 -23.00
CA GLN C 6 -1.55 6.01 -21.76
C GLN C 6 -3.02 6.34 -21.95
N SER C 7 -3.86 5.71 -21.13
CA SER C 7 -5.32 5.87 -21.21
C SER C 7 -5.96 5.40 -19.90
N PRO C 8 -6.98 6.11 -19.41
CA PRO C 8 -7.50 7.37 -19.99
C PRO C 8 -6.63 8.60 -19.66
N ALA C 9 -7.10 9.78 -20.05
CA ALA C 9 -6.34 10.99 -19.84
C ALA C 9 -6.85 11.75 -18.64
N THR C 10 -8.16 11.67 -18.41
CA THR C 10 -8.81 12.14 -17.17
C THR C 10 -9.67 11.01 -16.62
N LEU C 11 -10.02 11.11 -15.33
CA LEU C 11 -10.74 10.05 -14.65
C LEU C 11 -11.33 10.55 -13.36
N SER C 12 -12.61 10.27 -13.14
CA SER C 12 -13.31 10.65 -11.92
C SER C 12 -13.96 9.43 -11.34
N ALA C 13 -13.56 9.10 -10.13
CA ALA C 13 -14.11 8.00 -9.39
C ALA C 13 -14.32 8.42 -7.96
N SER C 14 -15.28 7.80 -7.29
CA SER C 14 -15.57 8.09 -5.88
C SER C 14 -14.59 7.39 -4.92
N VAL C 15 -14.64 7.80 -3.64
CA VAL C 15 -13.82 7.16 -2.62
C VAL C 15 -14.25 5.70 -2.55
N GLY C 16 -13.29 4.82 -2.82
CA GLY C 16 -13.49 3.40 -2.66
C GLY C 16 -13.61 2.62 -3.95
N ASP C 17 -13.94 3.29 -5.05
CA ASP C 17 -13.98 2.67 -6.38
C ASP C 17 -12.60 2.06 -6.74
N ARG C 18 -12.62 1.11 -7.68
CA ARG C 18 -11.39 0.60 -8.29
C ARG C 18 -11.09 1.39 -9.56
N VAL C 19 -9.83 1.78 -9.70
CA VAL C 19 -9.38 2.56 -10.83
C VAL C 19 -8.31 1.81 -11.58
N SER C 20 -8.42 1.92 -12.90
CA SER C 20 -7.53 1.24 -13.79
C SER C 20 -6.97 2.24 -14.81
N ILE C 21 -5.65 2.37 -14.83
CA ILE C 21 -4.96 3.18 -15.82
C ILE C 21 -4.14 2.23 -16.69
N THR C 22 -4.26 2.41 -18.00
CA THR C 22 -3.65 1.53 -19.01
C THR C 22 -2.52 2.27 -19.80
N CYS C 23 -1.39 1.58 -19.98
CA CYS C 23 -0.22 2.08 -20.70
C CYS C 23 0.15 1.06 -21.79
N ARG C 24 0.49 1.56 -22.99
CA ARG C 24 0.91 0.71 -24.14
C ARG C 24 2.23 1.21 -24.75
N ALA C 25 3.13 0.27 -25.02
CA ALA C 25 4.42 0.57 -25.65
C ALA C 25 4.38 0.17 -27.10
N SER C 26 4.92 1.04 -27.97
CA SER C 26 4.99 0.82 -29.43
C SER C 26 5.82 -0.42 -29.86
N GLN C 27 6.74 -0.85 -28.99
CA GLN C 27 7.45 -2.12 -29.18
C GLN C 27 7.61 -2.85 -27.84
N SER C 28 7.92 -4.14 -27.88
CA SER C 28 8.02 -4.94 -26.66
C SER C 28 9.13 -4.43 -25.75
N ILE C 29 8.78 -4.27 -24.47
CA ILE C 29 9.71 -3.72 -23.49
C ILE C 29 9.84 -4.62 -22.26
N SER C 30 9.33 -5.86 -22.38
CA SER C 30 9.33 -6.87 -21.30
C SER C 30 8.68 -6.30 -20.05
N SER C 31 9.40 -6.25 -18.93
CA SER C 31 8.85 -5.72 -17.70
C SER C 31 9.57 -4.47 -17.22
N TRP C 32 10.15 -3.70 -18.15
CA TRP C 32 10.93 -2.51 -17.78
C TRP C 32 10.08 -1.27 -17.85
N LEU C 33 9.13 -1.19 -16.93
CA LEU C 33 8.22 -0.07 -16.87
C LEU C 33 7.98 0.29 -15.42
N ALA C 34 7.94 1.58 -15.16
CA ALA C 34 7.61 2.07 -13.83
C ALA C 34 6.34 2.90 -13.89
N TRP C 35 5.76 3.15 -12.70
CA TRP C 35 4.64 4.04 -12.52
C TRP C 35 4.95 5.10 -11.46
N TYR C 36 4.78 6.38 -11.84
CA TYR C 36 4.91 7.51 -10.92
C TYR C 36 3.56 8.16 -10.61
N GLN C 37 3.49 8.83 -9.44
CA GLN C 37 2.37 9.68 -9.02
C GLN C 37 2.89 11.09 -8.79
N GLN C 38 2.47 12.03 -9.63
CA GLN C 38 2.85 13.44 -9.48
C GLN C 38 1.71 14.25 -8.92
N LYS C 39 1.89 14.71 -7.69
CA LYS C 39 1.00 15.68 -7.03
C LYS C 39 1.25 17.09 -7.53
N PRO C 40 0.28 18.02 -7.33
CA PRO C 40 0.46 19.39 -7.89
C PRO C 40 1.58 20.19 -7.18
N GLY C 41 2.44 20.83 -7.99
CA GLY C 41 3.63 21.54 -7.49
C GLY C 41 4.57 20.63 -6.73
N LYS C 42 4.77 19.42 -7.26
CA LYS C 42 5.63 18.39 -6.62
C LYS C 42 6.34 17.55 -7.66
N ALA C 43 7.47 16.98 -7.23
CA ALA C 43 8.16 15.97 -8.01
C ALA C 43 7.33 14.69 -8.04
N PRO C 44 7.26 14.03 -9.20
CA PRO C 44 6.58 12.72 -9.29
C PRO C 44 7.28 11.66 -8.43
N LYS C 45 6.55 10.98 -7.55
CA LYS C 45 7.13 9.86 -6.77
C LYS C 45 6.94 8.49 -7.42
N LEU C 46 7.88 7.57 -7.14
CA LEU C 46 7.82 6.21 -7.65
C LEU C 46 6.78 5.39 -6.87
N LEU C 47 5.88 4.69 -7.59
CA LEU C 47 4.89 3.80 -6.97
C LEU C 47 5.22 2.36 -7.22
N ILE C 48 5.50 2.05 -8.48
CA ILE C 48 5.73 0.69 -8.94
C ILE C 48 6.84 0.64 -9.98
N TYR C 49 7.83 -0.23 -9.74
CA TYR C 49 8.89 -0.46 -10.71
C TYR C 49 8.81 -1.88 -11.22
N LYS C 50 9.57 -2.13 -12.31
CA LYS C 50 9.61 -3.42 -13.02
C LYS C 50 8.21 -3.98 -13.30
N ALA C 51 7.29 -3.07 -13.66
CA ALA C 51 5.90 -3.38 -14.02
C ALA C 51 4.95 -3.75 -12.88
N SER C 52 5.46 -4.48 -11.89
CA SER C 52 4.64 -5.03 -10.81
C SER C 52 5.47 -5.24 -9.54
N SER C 53 6.19 -4.21 -9.11
CA SER C 53 6.88 -4.26 -7.81
C SER C 53 6.57 -3.01 -7.01
N LEU C 54 5.99 -3.22 -5.83
CA LEU C 54 5.46 -2.13 -5.04
C LEU C 54 6.55 -1.46 -4.27
N GLU C 55 6.77 -0.19 -4.59
CA GLU C 55 7.74 0.61 -3.88
C GLU C 55 7.54 0.54 -2.36
N SER C 56 8.63 0.19 -1.66
CA SER C 56 8.76 0.29 -0.21
C SER C 56 8.26 1.67 0.25
N GLY C 57 7.38 1.65 1.25
CA GLY C 57 6.71 2.86 1.71
C GLY C 57 5.31 3.04 1.15
N VAL C 58 5.05 2.51 -0.05
CA VAL C 58 3.78 2.70 -0.80
C VAL C 58 2.64 1.76 -0.34
N PRO C 59 1.39 2.29 -0.18
CA PRO C 59 0.18 1.50 0.12
C PRO C 59 -0.13 0.39 -0.88
N SER C 60 -0.59 -0.76 -0.35
CA SER C 60 -0.89 -1.96 -1.14
C SER C 60 -2.20 -1.89 -1.92
N ARG C 61 -2.94 -0.78 -1.78
CA ARG C 61 -4.08 -0.53 -2.66
C ARG C 61 -3.62 -0.35 -4.13
N PHE C 62 -2.36 0.11 -4.30
CA PHE C 62 -1.67 0.18 -5.60
C PHE C 62 -1.12 -1.18 -5.99
N SER C 63 -1.23 -1.48 -7.29
CA SER C 63 -0.76 -2.73 -7.90
C SER C 63 -0.51 -2.52 -9.39
N GLY C 64 0.41 -3.32 -9.91
CA GLY C 64 0.80 -3.25 -11.30
C GLY C 64 0.72 -4.62 -11.91
N SER C 65 0.43 -4.66 -13.22
CA SER C 65 0.21 -5.89 -13.97
C SER C 65 0.69 -5.68 -15.38
N GLY C 66 1.19 -6.75 -15.97
CA GLY C 66 1.51 -6.79 -17.39
C GLY C 66 2.98 -7.02 -17.68
N SER C 67 3.26 -7.36 -18.93
CA SER C 67 4.60 -7.36 -19.49
C SER C 67 4.52 -7.34 -21.01
N GLY C 68 5.65 -7.06 -21.67
CA GLY C 68 5.74 -6.97 -23.14
C GLY C 68 5.30 -5.63 -23.70
N SER C 69 3.99 -5.49 -23.93
CA SER C 69 3.42 -4.34 -24.67
C SER C 69 2.22 -3.66 -24.01
N GLU C 70 1.61 -4.30 -23.02
CA GLU C 70 0.43 -3.75 -22.34
C GLU C 70 0.65 -3.77 -20.85
N PHE C 71 0.27 -2.69 -20.17
CA PHE C 71 0.49 -2.54 -18.73
C PHE C 71 -0.67 -1.82 -18.04
N THR C 72 -0.85 -2.10 -16.75
CA THR C 72 -2.02 -1.60 -16.02
C THR C 72 -1.72 -1.23 -14.58
N LEU C 73 -2.14 -0.02 -14.18
CA LEU C 73 -2.05 0.38 -12.79
C LEU C 73 -3.43 0.33 -12.21
N THR C 74 -3.57 -0.36 -11.09
CA THR C 74 -4.85 -0.48 -10.44
C THR C 74 -4.77 0.13 -9.05
N ILE C 75 -5.80 0.87 -8.72
CA ILE C 75 -6.02 1.28 -7.36
C ILE C 75 -7.32 0.63 -6.97
N SER C 76 -7.20 -0.43 -6.17
CA SER C 76 -8.33 -1.28 -5.79
C SER C 76 -9.41 -0.52 -5.02
N SER C 77 -9.00 0.43 -4.17
CA SER C 77 -9.92 1.18 -3.36
C SER C 77 -9.38 2.60 -3.19
N LEU C 78 -10.05 3.56 -3.82
CA LEU C 78 -9.50 4.90 -3.97
C LEU C 78 -9.77 5.78 -2.74
N GLN C 79 -8.73 6.48 -2.30
CA GLN C 79 -8.79 7.39 -1.15
C GLN C 79 -8.47 8.82 -1.58
N PRO C 80 -8.98 9.87 -0.85
CA PRO C 80 -8.91 11.27 -1.31
C PRO C 80 -7.51 11.79 -1.61
N ASP C 81 -6.52 11.25 -0.88
CA ASP C 81 -5.11 11.56 -1.08
C ASP C 81 -4.59 11.09 -2.47
N ASP C 82 -5.34 10.22 -3.13
CA ASP C 82 -4.97 9.71 -4.46
C ASP C 82 -5.20 10.67 -5.62
N PHE C 83 -5.60 11.91 -5.31
CA PHE C 83 -5.70 12.95 -6.32
C PHE C 83 -4.30 13.31 -6.84
N ALA C 84 -4.07 13.09 -8.14
CA ALA C 84 -2.78 13.40 -8.79
C ALA C 84 -2.82 13.04 -10.26
N ILE C 85 -1.77 13.42 -10.99
CA ILE C 85 -1.56 12.92 -12.33
C ILE C 85 -0.58 11.74 -12.25
N TYR C 86 -0.95 10.63 -12.92
CA TYR C 86 -0.17 9.39 -12.94
C TYR C 86 0.52 9.14 -14.27
N TYR C 87 1.82 8.87 -14.19
CA TYR C 87 2.67 8.66 -15.37
C TYR C 87 3.26 7.27 -15.40
N CYS C 88 3.25 6.63 -16.58
CA CYS C 88 4.04 5.42 -16.84
C CYS C 88 5.29 5.81 -17.61
N GLN C 89 6.34 4.99 -17.45
CA GLN C 89 7.66 5.27 -18.02
C GLN C 89 8.40 3.97 -18.31
N GLN C 90 9.03 3.88 -19.49
CA GLN C 90 9.84 2.71 -19.84
C GLN C 90 11.30 2.98 -19.65
N TYR C 91 12.04 1.94 -19.28
CA TYR C 91 13.50 2.01 -19.18
C TYR C 91 14.20 0.86 -19.91
N ASN C 92 13.48 0.25 -20.84
CA ASN C 92 14.03 -0.69 -21.80
C ASN C 92 15.25 -0.11 -22.53
N SER C 93 15.08 1.08 -23.11
CA SER C 93 16.02 1.65 -24.05
C SER C 93 16.24 3.13 -23.79
N TYR C 94 17.28 3.70 -24.41
CA TYR C 94 17.50 5.13 -24.40
C TYR C 94 16.96 5.77 -25.70
N PRO C 95 16.28 6.91 -25.62
CA PRO C 95 15.94 7.62 -24.37
C PRO C 95 14.82 6.95 -23.53
N TRP C 96 14.75 7.31 -22.26
CA TRP C 96 13.61 6.89 -21.47
C TRP C 96 12.48 7.75 -21.86
N THR C 97 11.31 7.16 -22.01
CA THR C 97 10.15 7.92 -22.38
C THR C 97 9.04 7.66 -21.39
N PHE C 98 8.20 8.69 -21.21
CA PHE C 98 7.08 8.68 -20.28
C PHE C 98 5.80 8.76 -21.09
N GLY C 99 4.70 8.33 -20.47
CA GLY C 99 3.36 8.53 -21.01
C GLY C 99 2.89 9.97 -20.85
N GLN C 100 1.84 10.31 -21.60
CA GLN C 100 1.24 11.66 -21.56
C GLN C 100 0.47 11.98 -20.25
N GLY C 101 0.32 10.96 -19.38
CA GLY C 101 -0.25 11.15 -18.05
C GLY C 101 -1.74 10.87 -18.02
N THR C 102 -2.28 10.77 -16.80
CA THR C 102 -3.69 10.50 -16.54
C THR C 102 -4.07 11.29 -15.29
N LYS C 103 -4.98 12.26 -15.41
CA LYS C 103 -5.36 13.08 -14.24
C LYS C 103 -6.56 12.45 -13.53
N VAL C 104 -6.40 12.21 -12.23
CA VAL C 104 -7.40 11.49 -11.43
C VAL C 104 -7.96 12.40 -10.36
N GLU C 105 -9.22 12.78 -10.52
CA GLU C 105 -9.90 13.57 -9.54
C GLU C 105 -10.89 12.69 -8.76
N ILE C 106 -11.14 13.09 -7.51
CA ILE C 106 -12.02 12.36 -6.62
C ILE C 106 -13.45 12.88 -6.70
N LYS C 107 -14.39 11.96 -6.97
CA LYS C 107 -15.83 12.26 -7.05
C LYS C 107 -16.49 12.12 -5.67
N ARG C 108 -16.70 13.25 -5.01
CA ARG C 108 -17.40 13.30 -3.73
C ARG C 108 -18.85 13.83 -3.89
N THR C 109 -19.55 13.94 -2.77
CA THR C 109 -20.88 14.54 -2.72
C THR C 109 -20.87 16.04 -3.06
N VAL C 110 -22.02 16.58 -3.47
CA VAL C 110 -22.13 18.03 -3.76
C VAL C 110 -22.01 18.87 -2.48
N ALA C 111 -21.07 19.81 -2.50
CA ALA C 111 -20.97 20.83 -1.48
C ALA C 111 -21.14 22.19 -2.13
N ALA C 112 -22.13 22.94 -1.66
CA ALA C 112 -22.36 24.31 -2.09
C ALA C 112 -21.21 25.21 -1.63
N PRO C 113 -20.84 26.23 -2.45
CA PRO C 113 -19.78 27.18 -2.04
C PRO C 113 -20.30 28.31 -1.14
N SER C 114 -19.64 28.55 -0.01
CA SER C 114 -19.88 29.80 0.73
C SER C 114 -19.19 30.92 -0.05
N VAL C 115 -19.95 31.94 -0.41
CA VAL C 115 -19.41 33.05 -1.21
C VAL C 115 -18.88 34.21 -0.33
N PHE C 116 -17.78 34.83 -0.76
CA PHE C 116 -17.31 36.06 -0.14
C PHE C 116 -16.97 37.06 -1.21
N ILE C 117 -17.25 38.32 -0.90
CA ILE C 117 -16.91 39.45 -1.77
C ILE C 117 -15.86 40.35 -1.10
N PHE C 118 -14.96 40.92 -1.91
CA PHE C 118 -13.83 41.71 -1.42
C PHE C 118 -13.59 42.94 -2.30
N PRO C 119 -13.83 44.15 -1.73
CA PRO C 119 -13.63 45.40 -2.45
C PRO C 119 -12.14 45.67 -2.67
N PRO C 120 -11.80 46.58 -3.61
CA PRO C 120 -10.41 46.96 -3.82
C PRO C 120 -9.82 47.74 -2.64
N SER C 121 -8.52 47.59 -2.42
CA SER C 121 -7.80 48.31 -1.37
C SER C 121 -7.56 49.74 -1.78
N ASP C 122 -7.82 50.66 -0.85
CA ASP C 122 -7.52 52.09 -1.04
C ASP C 122 -6.08 52.35 -1.51
N GLU C 123 -5.16 51.51 -1.02
CA GLU C 123 -3.75 51.54 -1.38
C GLU C 123 -3.57 51.30 -2.85
N GLN C 124 -4.38 50.39 -3.39
CA GLN C 124 -4.38 50.07 -4.81
C GLN C 124 -4.99 51.20 -5.64
N LEU C 125 -5.98 51.89 -5.07
CA LEU C 125 -6.61 53.05 -5.70
C LEU C 125 -5.61 54.18 -5.99
N LYS C 126 -4.76 54.47 -5.01
CA LYS C 126 -3.64 55.43 -5.17
C LYS C 126 -2.71 55.18 -6.39
N SER C 127 -2.68 53.95 -6.91
CA SER C 127 -1.80 53.59 -8.03
C SER C 127 -2.46 53.69 -9.40
N GLY C 128 -3.79 53.74 -9.42
CA GLY C 128 -4.55 53.93 -10.66
C GLY C 128 -5.00 52.65 -11.35
N THR C 129 -5.37 51.64 -10.54
CA THR C 129 -6.04 50.40 -10.98
C THR C 129 -6.94 49.90 -9.83
N ALA C 130 -8.05 49.25 -10.18
CA ALA C 130 -8.99 48.74 -9.19
C ALA C 130 -9.44 47.31 -9.47
N SER C 131 -9.28 46.45 -8.45
CA SER C 131 -9.57 45.02 -8.54
C SER C 131 -10.65 44.60 -7.55
N VAL C 132 -11.70 43.96 -8.06
CA VAL C 132 -12.76 43.40 -7.20
C VAL C 132 -12.73 41.84 -7.24
N VAL C 133 -12.78 41.24 -6.06
CA VAL C 133 -12.49 39.80 -5.90
C VAL C 133 -13.65 39.02 -5.28
N CYS C 134 -14.09 38.00 -6.00
CA CYS C 134 -15.08 37.08 -5.51
C CYS C 134 -14.43 35.75 -5.16
N LEU C 135 -14.81 35.22 -4.00
CA LEU C 135 -14.25 33.98 -3.52
C LEU C 135 -15.34 32.96 -3.25
N LEU C 136 -15.21 31.78 -3.86
CA LEU C 136 -16.09 30.66 -3.61
C LEU C 136 -15.25 29.65 -2.87
N ASN C 137 -15.54 29.51 -1.59
CA ASN C 137 -14.71 28.67 -0.75
C ASN C 137 -15.33 27.29 -0.54
N ASN C 138 -14.50 26.25 -0.73
CA ASN C 138 -14.77 24.81 -0.41
C ASN C 138 -16.03 24.20 -0.97
N PHE C 139 -15.96 23.81 -2.24
CA PHE C 139 -17.14 23.25 -2.90
C PHE C 139 -16.78 22.12 -3.88
N TYR C 140 -17.80 21.41 -4.34
CA TYR C 140 -17.68 20.37 -5.35
C TYR C 140 -19.02 20.26 -6.07
N PRO C 141 -19.06 20.09 -7.41
CA PRO C 141 -17.89 19.98 -8.29
C PRO C 141 -17.28 21.32 -8.68
N ARG C 142 -16.25 21.26 -9.52
CA ARG C 142 -15.47 22.42 -9.93
C ARG C 142 -16.30 23.43 -10.74
N GLU C 143 -17.18 22.94 -11.61
CA GLU C 143 -17.99 23.78 -12.51
C GLU C 143 -18.77 24.82 -11.71
N ALA C 144 -18.70 26.09 -12.14
CA ALA C 144 -19.52 27.17 -11.56
C ALA C 144 -19.47 28.43 -12.41
N LYS C 145 -20.60 29.14 -12.45
CA LYS C 145 -20.71 30.41 -13.16
C LYS C 145 -20.63 31.55 -12.15
N VAL C 146 -19.72 32.48 -12.42
CA VAL C 146 -19.55 33.71 -11.63
C VAL C 146 -19.81 34.88 -12.55
N GLN C 147 -20.84 35.66 -12.22
CA GLN C 147 -21.20 36.86 -12.97
C GLN C 147 -21.00 38.14 -12.17
N TRP C 148 -20.51 39.16 -12.86
CA TRP C 148 -20.28 40.44 -12.24
C TRP C 148 -21.32 41.45 -12.71
N LYS C 149 -21.82 42.26 -11.76
CA LYS C 149 -22.78 43.34 -12.01
C LYS C 149 -22.26 44.70 -11.52
N VAL C 150 -22.52 45.77 -12.28
CA VAL C 150 -22.22 47.15 -11.80
C VAL C 150 -23.47 48.05 -11.71
N ASN C 152 -26.62 47.51 -11.87
CA ASN C 152 -26.82 46.07 -11.89
C ASN C 152 -26.73 45.54 -13.34
N ALA C 153 -25.63 45.89 -14.03
CA ALA C 153 -25.38 45.49 -15.42
C ALA C 153 -24.23 44.47 -15.51
N LEU C 154 -24.42 43.47 -16.39
CA LEU C 154 -23.43 42.39 -16.62
C LEU C 154 -22.13 42.90 -17.25
N GLN C 155 -21.04 42.22 -16.93
CA GLN C 155 -19.69 42.56 -17.41
C GLN C 155 -19.13 41.55 -18.41
N SER C 156 -18.30 42.05 -19.34
CA SER C 156 -17.60 41.23 -20.31
C SER C 156 -16.09 41.35 -20.18
N ASN C 158 -12.97 41.20 -19.22
CA ASN C 158 -12.52 42.09 -18.14
C ASN C 158 -12.40 41.45 -16.76
N SER C 159 -12.97 40.25 -16.59
CA SER C 159 -12.75 39.45 -15.39
C SER C 159 -11.99 38.15 -15.70
N GLN C 160 -11.19 37.69 -14.75
CA GLN C 160 -10.50 36.40 -14.86
C GLN C 160 -10.76 35.53 -13.64
N GLU C 161 -10.81 34.21 -13.86
CA GLU C 161 -11.03 33.28 -12.77
C GLU C 161 -9.85 32.33 -12.58
N SER C 162 -9.67 31.86 -11.35
CA SER C 162 -8.57 30.99 -10.97
C SER C 162 -9.11 29.91 -10.06
N VAL C 163 -8.72 28.67 -10.32
CA VAL C 163 -9.20 27.52 -9.52
C VAL C 163 -8.03 26.81 -8.81
N THR C 164 -8.23 26.45 -7.53
CA THR C 164 -7.26 25.61 -6.81
C THR C 164 -7.29 24.20 -7.36
N GLU C 165 -6.25 23.45 -7.01
CA GLU C 165 -6.26 22.04 -7.23
C GLU C 165 -7.17 21.46 -6.15
N GLN C 166 -7.57 20.22 -6.34
CA GLN C 166 -8.44 19.55 -5.39
C GLN C 166 -7.79 19.42 -3.99
N ASP C 167 -8.59 19.61 -2.95
CA ASP C 167 -8.14 19.47 -1.59
C ASP C 167 -7.85 18.02 -1.24
N SER C 168 -6.58 17.72 -0.96
CA SER C 168 -6.13 16.34 -0.68
C SER C 168 -6.76 15.64 0.54
N LYS C 169 -7.45 16.41 1.39
CA LYS C 169 -8.06 15.84 2.60
C LYS C 169 -9.55 15.51 2.39
N ASP C 170 -10.33 16.49 1.95
CA ASP C 170 -11.77 16.32 1.78
C ASP C 170 -12.28 16.60 0.36
N SER C 171 -11.36 16.57 -0.61
CA SER C 171 -11.70 16.58 -2.05
C SER C 171 -12.47 17.83 -2.52
N THR C 172 -12.16 19.00 -1.97
CA THR C 172 -12.83 20.26 -2.38
C THR C 172 -12.05 21.06 -3.42
N TYR C 173 -12.68 22.13 -3.91
CA TYR C 173 -12.05 23.16 -4.72
C TYR C 173 -12.30 24.56 -4.16
N SER C 174 -11.52 25.53 -4.62
CA SER C 174 -11.77 26.94 -4.35
C SER C 174 -11.58 27.76 -5.61
N LEU C 175 -12.45 28.74 -5.79
CA LEU C 175 -12.46 29.59 -6.98
C LEU C 175 -12.48 31.07 -6.63
N SER C 176 -11.54 31.80 -7.25
CA SER C 176 -11.48 33.25 -7.18
C SER C 176 -11.83 33.85 -8.53
N SER C 177 -12.69 34.86 -8.51
CA SER C 177 -12.94 35.66 -9.69
C SER C 177 -12.49 37.10 -9.44
N THR C 178 -11.56 37.56 -10.26
CA THR C 178 -11.08 38.94 -10.23
C THR C 178 -11.81 39.73 -11.29
N LEU C 179 -12.29 40.92 -10.89
CA LEU C 179 -12.71 41.95 -11.81
C LEU C 179 -11.67 43.09 -11.78
N THR C 180 -10.96 43.30 -12.89
CA THR C 180 -10.00 44.41 -13.04
C THR C 180 -10.62 45.54 -13.87
N LEU C 181 -10.54 46.77 -13.36
CA LEU C 181 -11.15 47.94 -13.99
C LEU C 181 -10.14 49.03 -14.40
N ASP C 185 -13.14 55.40 -13.45
CA ASP C 185 -13.53 54.09 -13.98
C ASP C 185 -14.31 53.29 -12.93
N TYR C 186 -13.66 52.95 -11.82
CA TYR C 186 -14.28 52.26 -10.69
C TYR C 186 -15.14 53.20 -9.84
N GLU C 187 -14.60 54.39 -9.53
CA GLU C 187 -15.29 55.39 -8.70
C GLU C 187 -16.57 55.94 -9.36
N LYS C 188 -16.81 55.57 -10.63
CA LYS C 188 -17.99 55.98 -11.40
C LYS C 188 -19.33 55.36 -10.95
N HIS C 189 -19.28 54.16 -10.38
CA HIS C 189 -20.49 53.40 -10.00
C HIS C 189 -20.52 53.12 -8.50
N LYS C 190 -21.71 52.77 -7.99
CA LYS C 190 -21.91 52.61 -6.54
C LYS C 190 -22.19 51.17 -6.09
N VAL C 191 -22.94 50.42 -6.90
CA VAL C 191 -23.28 49.02 -6.58
C VAL C 191 -22.42 48.02 -7.37
N TYR C 192 -21.75 47.13 -6.63
CA TYR C 192 -20.94 46.03 -7.18
C TYR C 192 -21.35 44.69 -6.59
N ALA C 193 -21.92 43.82 -7.42
CA ALA C 193 -22.45 42.50 -7.02
C ALA C 193 -21.70 41.30 -7.63
N CYS C 194 -21.91 40.13 -7.03
CA CYS C 194 -21.30 38.88 -7.48
C CYS C 194 -22.32 37.75 -7.56
N GLU C 195 -22.82 37.50 -8.78
CA GLU C 195 -23.82 36.45 -9.07
C GLU C 195 -23.16 35.07 -9.29
N VAL C 196 -23.39 34.18 -8.33
CA VAL C 196 -22.72 32.87 -8.26
C VAL C 196 -23.71 31.74 -8.56
N THR C 197 -23.47 31.03 -9.67
CA THR C 197 -24.35 29.96 -10.09
C THR C 197 -23.62 28.64 -9.93
N HIS C 198 -24.27 27.72 -9.22
CA HIS C 198 -23.68 26.43 -8.93
C HIS C 198 -24.76 25.41 -8.65
N GLN C 199 -24.48 24.17 -9.05
CA GLN C 199 -25.46 23.08 -8.97
C GLN C 199 -25.89 22.73 -7.56
N GLY C 200 -25.03 23.00 -6.59
CA GLY C 200 -25.34 22.79 -5.19
C GLY C 200 -26.37 23.75 -4.61
N LEU C 201 -26.69 24.82 -5.33
CA LEU C 201 -27.60 25.85 -4.83
C LEU C 201 -28.92 25.88 -5.60
N SER C 202 -30.04 26.06 -4.86
CA SER C 202 -31.38 26.20 -5.46
C SER C 202 -31.46 27.40 -6.41
N SER C 203 -31.11 28.57 -5.87
CA SER C 203 -31.14 29.82 -6.58
C SER C 203 -29.78 30.51 -6.43
N PRO C 204 -29.37 31.30 -7.46
CA PRO C 204 -28.07 31.96 -7.46
C PRO C 204 -27.83 32.91 -6.28
N VAL C 205 -26.65 32.80 -5.69
CA VAL C 205 -26.19 33.63 -4.56
C VAL C 205 -25.54 34.92 -5.06
N THR C 206 -25.95 36.03 -4.47
CA THR C 206 -25.52 37.37 -4.86
C THR C 206 -24.91 38.10 -3.65
N LYS C 207 -23.58 38.13 -3.59
CA LYS C 207 -22.88 38.92 -2.58
C LYS C 207 -22.43 40.24 -3.20
N SER C 208 -22.82 41.35 -2.57
CA SER C 208 -22.53 42.68 -3.12
C SER C 208 -21.93 43.63 -2.08
N PHE C 209 -21.61 44.85 -2.52
CA PHE C 209 -21.20 45.96 -1.64
C PHE C 209 -21.41 47.34 -2.28
N ASN C 210 -21.60 48.35 -1.43
CA ASN C 210 -21.68 49.76 -1.85
C ASN C 210 -20.36 50.43 -1.57
N ARG C 211 -19.81 51.07 -2.61
CA ARG C 211 -18.54 51.80 -2.53
C ARG C 211 -18.54 52.86 -1.40
N GLY C 212 -17.73 52.60 -0.36
CA GLY C 212 -17.63 53.47 0.82
C GLY C 212 -17.84 52.73 2.12
N GLN D 1 16.92 8.36 2.04
CA GLN D 1 16.87 9.86 1.92
C GLN D 1 18.20 10.42 1.39
N VAL D 2 18.10 11.37 0.45
CA VAL D 2 19.23 12.17 -0.05
C VAL D 2 18.62 13.39 -0.76
N GLN D 3 19.13 14.58 -0.46
CA GLN D 3 18.55 15.82 -0.96
C GLN D 3 19.19 16.29 -2.25
N LEU D 4 18.32 16.81 -3.11
CA LEU D 4 18.68 17.42 -4.37
C LEU D 4 17.88 18.72 -4.44
N GLN D 5 18.57 19.81 -4.76
CA GLN D 5 17.91 21.11 -4.96
C GLN D 5 18.36 21.71 -6.26
N GLU D 6 17.41 22.34 -6.96
CA GLU D 6 17.72 23.04 -8.20
C GLU D 6 17.87 24.53 -7.94
N SER D 7 18.82 25.13 -8.65
CA SER D 7 19.02 26.57 -8.70
C SER D 7 19.37 26.97 -10.12
N GLY D 8 19.01 28.20 -10.49
CA GLY D 8 19.19 28.72 -11.85
C GLY D 8 18.42 30.01 -12.07
N PRO D 9 18.50 30.59 -13.28
CA PRO D 9 18.07 31.98 -13.44
C PRO D 9 16.56 32.22 -13.24
N GLY D 10 15.72 31.26 -13.65
CA GLY D 10 14.28 31.44 -13.68
C GLY D 10 13.79 32.00 -15.01
N LEU D 11 14.44 33.06 -15.49
CA LEU D 11 14.09 33.74 -16.74
C LEU D 11 15.33 33.90 -17.62
N VAL D 12 15.29 33.36 -18.83
CA VAL D 12 16.43 33.45 -19.76
C VAL D 12 15.95 33.68 -21.19
N LYS D 13 16.35 34.82 -21.77
CA LYS D 13 15.85 35.34 -23.06
C LYS D 13 16.14 34.41 -24.24
N PRO D 14 15.32 34.46 -25.33
CA PRO D 14 15.47 33.55 -26.48
C PRO D 14 16.87 33.49 -27.10
N SER D 15 17.18 32.35 -27.71
CA SER D 15 18.47 32.05 -28.40
C SER D 15 19.69 31.88 -27.47
N GLU D 16 19.50 32.10 -26.17
CA GLU D 16 20.60 32.05 -25.21
C GLU D 16 20.76 30.66 -24.57
N THR D 17 21.86 30.51 -23.84
CA THR D 17 22.12 29.29 -23.09
C THR D 17 21.35 29.38 -21.78
N LEU D 18 20.96 28.22 -21.25
CA LEU D 18 20.31 28.10 -19.97
C LEU D 18 21.19 27.24 -19.07
N SER D 19 21.52 27.75 -17.89
CA SER D 19 22.27 26.94 -16.92
C SER D 19 21.48 26.61 -15.67
N LEU D 20 21.54 25.34 -15.28
CA LEU D 20 20.97 24.88 -14.01
C LEU D 20 22.00 24.10 -13.20
N THR D 21 21.78 24.04 -11.89
CA THR D 21 22.70 23.39 -10.95
C THR D 21 21.90 22.69 -9.87
N CYS D 22 22.39 21.52 -9.51
CA CYS D 22 21.73 20.61 -8.59
C CYS D 22 22.70 20.23 -7.47
N SER D 23 22.50 20.84 -6.30
CA SER D 23 23.25 20.52 -5.09
C SER D 23 22.73 19.23 -4.50
N VAL D 24 23.65 18.35 -4.12
CA VAL D 24 23.29 17.07 -3.51
C VAL D 24 23.83 16.99 -2.09
N SER D 25 22.94 16.76 -1.13
CA SER D 25 23.34 16.52 0.23
C SER D 25 22.87 15.15 0.63
N GLY D 26 23.75 14.41 1.28
CA GLY D 26 23.39 13.08 1.77
C GLY D 26 24.01 11.95 0.99
N ALA D 27 24.71 12.28 -0.10
CA ALA D 27 25.42 11.27 -0.89
C ALA D 27 26.50 11.90 -1.74
N SER D 28 27.50 11.09 -2.09
CA SER D 28 28.58 11.52 -2.97
C SER D 28 28.09 11.67 -4.42
N ILE D 29 28.60 12.69 -5.10
CA ILE D 29 28.21 12.96 -6.49
C ILE D 29 29.10 12.23 -7.50
N SER D 30 30.21 11.70 -7.01
CA SER D 30 31.14 10.91 -7.82
C SER D 30 30.59 9.52 -8.08
N SER D 31 29.75 9.04 -7.15
CA SER D 31 29.41 7.62 -7.04
C SER D 31 28.03 7.22 -7.65
N TYR D 32 27.46 8.12 -8.45
CA TYR D 32 26.12 7.91 -9.03
C TYR D 32 25.98 8.49 -10.44
N TYR D 33 25.07 7.91 -11.25
CA TYR D 33 24.56 8.53 -12.48
C TYR D 33 23.51 9.57 -12.13
N TRP D 34 23.46 10.67 -12.86
CA TRP D 34 22.47 11.73 -12.57
C TRP D 34 21.75 12.14 -13.84
N ILE D 35 20.46 12.44 -13.69
CA ILE D 35 19.60 12.76 -14.84
C ILE D 35 18.87 14.09 -14.69
N TRP D 36 18.47 14.64 -15.83
CA TRP D 36 17.62 15.80 -15.83
C TRP D 36 16.33 15.46 -16.54
N ILE D 37 15.22 15.98 -16.01
CA ILE D 37 13.91 15.85 -16.64
C ILE D 37 13.19 17.19 -16.55
N ARG D 38 12.50 17.54 -17.62
CA ARG D 38 11.65 18.70 -17.63
C ARG D 38 10.23 18.29 -18.02
N GLN D 39 9.28 19.19 -17.77
CA GLN D 39 7.95 19.15 -18.39
C GLN D 39 7.39 20.56 -18.58
N PRO D 40 6.89 20.86 -19.79
CA PRO D 40 6.12 22.10 -19.99
C PRO D 40 4.71 21.98 -19.39
N ALA D 41 4.12 23.11 -18.99
CA ALA D 41 2.83 23.17 -18.26
C ALA D 41 1.62 22.68 -19.05
N LYS D 43 1.46 19.92 -20.42
CA LYS D 43 2.23 18.93 -21.18
C LYS D 43 2.99 17.94 -20.28
N GLY D 44 3.51 16.87 -20.91
CA GLY D 44 4.06 15.72 -20.19
C GLY D 44 5.56 15.72 -19.98
N LEU D 45 6.01 14.75 -19.19
CA LEU D 45 7.40 14.62 -18.80
C LEU D 45 8.26 14.11 -19.96
N GLU D 46 9.48 14.66 -20.03
CA GLU D 46 10.43 14.39 -21.11
C GLU D 46 11.85 14.24 -20.48
N TRP D 47 12.52 13.16 -20.83
CA TRP D 47 13.81 12.81 -20.26
C TRP D 47 14.96 13.45 -21.04
N ILE D 48 15.75 14.27 -20.36
CA ILE D 48 16.76 15.09 -21.00
C ILE D 48 18.03 14.29 -21.27
N GLY D 49 18.50 13.57 -20.25
CA GLY D 49 19.71 12.78 -20.40
C GLY D 49 20.36 12.32 -19.13
N ARG D 50 21.55 11.73 -19.25
CA ARG D 50 22.28 11.22 -18.08
C ARG D 50 23.79 11.35 -18.16
N PHE D 51 24.38 11.68 -17.02
CA PHE D 51 25.84 11.89 -16.85
C PHE D 51 26.37 11.12 -15.63
N TYR D 52 27.60 10.64 -15.73
CA TYR D 52 28.33 10.01 -14.62
C TYR D 52 29.77 10.46 -14.71
N THR D 53 30.41 10.67 -13.54
CA THR D 53 31.82 11.13 -13.43
C THR D 53 32.79 10.22 -14.21
N SER D 54 32.46 8.93 -14.30
CA SER D 54 33.36 7.91 -14.83
C SER D 54 32.63 6.66 -15.39
N GLY D 55 31.87 6.77 -16.47
CA GLY D 55 31.65 8.02 -17.17
C GLY D 55 31.43 7.83 -18.64
N SER D 56 30.16 7.85 -19.02
CA SER D 56 29.79 8.03 -20.41
C SER D 56 28.38 8.62 -20.45
N PRO D 57 28.26 9.88 -20.88
CA PRO D 57 26.93 10.51 -20.93
C PRO D 57 26.00 9.88 -21.98
N ASN D 58 24.71 10.19 -21.88
CA ASN D 58 23.74 9.84 -22.92
C ASN D 58 22.58 10.84 -22.92
N TYR D 59 22.38 11.51 -24.06
CA TYR D 59 21.39 12.58 -24.18
C TYR D 59 20.28 12.26 -25.17
N ASN D 60 19.09 12.75 -24.88
CA ASN D 60 17.92 12.57 -25.71
C ASN D 60 18.13 13.25 -27.07
N PRO D 61 18.05 12.47 -28.19
CA PRO D 61 18.29 12.93 -29.58
C PRO D 61 17.51 14.19 -30.01
N SER D 62 16.27 14.31 -29.55
CA SER D 62 15.43 15.48 -29.85
C SER D 62 16.03 16.78 -29.32
N LEU D 63 17.03 16.67 -28.45
CA LEU D 63 17.71 17.81 -27.88
C LEU D 63 19.22 17.69 -27.91
N ARG D 64 19.73 16.46 -28.03
CA ARG D 64 21.16 16.10 -27.82
C ARG D 64 22.22 17.07 -28.32
N SER D 65 21.90 17.80 -29.40
CA SER D 65 22.80 18.78 -30.00
C SER D 65 22.97 20.08 -29.17
N ARG D 66 21.95 20.47 -28.40
CA ARG D 66 21.95 21.72 -27.64
C ARG D 66 22.24 21.55 -26.14
N VAL D 67 22.32 20.29 -25.69
CA VAL D 67 22.53 19.98 -24.27
C VAL D 67 23.92 19.47 -23.95
N THR D 68 24.29 19.70 -22.69
CA THR D 68 25.59 19.40 -22.12
C THR D 68 25.33 19.20 -20.65
N MET D 69 26.03 18.25 -20.06
CA MET D 69 25.97 18.03 -18.63
C MET D 69 27.38 17.91 -18.06
N SER D 70 27.50 18.21 -16.77
CA SER D 70 28.76 18.12 -16.05
C SER D 70 28.54 17.98 -14.55
N VAL D 71 29.54 17.39 -13.92
CA VAL D 71 29.58 17.20 -12.49
C VAL D 71 30.69 18.11 -11.90
N ASP D 72 30.50 18.57 -10.66
CA ASP D 72 31.49 19.40 -9.95
C ASP D 72 31.75 18.75 -8.58
N THR D 73 32.81 17.96 -8.49
CA THR D 73 33.10 17.16 -7.28
C THR D 73 33.48 17.99 -6.07
N SER D 74 34.14 19.11 -6.28
CA SER D 74 34.56 20.01 -5.19
C SER D 74 33.40 20.58 -4.36
N LYS D 75 32.25 20.78 -4.99
CA LYS D 75 31.06 21.35 -4.32
C LYS D 75 29.82 20.40 -4.23
N ASN D 76 29.98 19.14 -4.67
CA ASN D 76 28.89 18.14 -4.81
C ASN D 76 27.66 18.65 -5.55
N GLN D 77 27.90 19.17 -6.75
CA GLN D 77 26.89 19.79 -7.57
C GLN D 77 26.93 19.22 -8.96
N PHE D 78 25.78 19.18 -9.62
CA PHE D 78 25.80 18.88 -11.04
C PHE D 78 24.92 19.81 -11.85
N SER D 79 25.32 20.00 -13.11
CA SER D 79 24.86 21.13 -13.89
C SER D 79 24.35 20.72 -15.27
N LEU D 80 23.42 21.53 -15.79
CA LEU D 80 22.83 21.33 -17.11
C LEU D 80 22.93 22.60 -17.92
N LYS D 81 23.41 22.47 -19.16
CA LYS D 81 23.49 23.61 -20.07
C LYS D 81 22.70 23.36 -21.35
N LEU D 82 21.85 24.30 -21.68
CA LEU D 82 20.95 24.15 -22.79
C LEU D 82 21.11 25.35 -23.71
N THR D 83 21.89 25.17 -24.77
CA THR D 83 22.21 26.25 -25.71
C THR D 83 21.03 26.55 -26.61
N SER D 84 20.93 27.82 -27.04
CA SER D 84 20.00 28.25 -28.06
C SER D 84 18.52 27.92 -27.71
N VAL D 85 18.04 28.47 -26.59
CA VAL D 85 16.68 28.20 -26.07
C VAL D 85 15.57 28.83 -26.90
N THR D 86 14.36 28.28 -26.76
CA THR D 86 13.15 28.73 -27.46
C THR D 86 11.95 28.67 -26.52
N ALA D 87 10.77 29.00 -27.07
CA ALA D 87 9.48 28.90 -26.37
C ALA D 87 9.22 27.48 -25.85
N ALA D 88 9.55 26.49 -26.68
CA ALA D 88 9.41 25.09 -26.35
C ALA D 88 10.16 24.75 -25.07
N ASP D 89 11.30 25.39 -24.83
CA ASP D 89 12.16 25.10 -23.67
C ASP D 89 11.65 25.60 -22.30
N THR D 90 10.52 26.31 -22.28
CA THR D 90 9.93 26.79 -21.04
C THR D 90 9.30 25.61 -20.33
N ALA D 91 9.87 25.28 -19.17
CA ALA D 91 9.47 24.09 -18.42
C ALA D 91 9.91 24.14 -16.95
N VAL D 92 9.40 23.17 -16.20
CA VAL D 92 9.84 22.98 -14.86
C VAL D 92 10.86 21.87 -14.95
N TYR D 93 12.06 22.16 -14.45
CA TYR D 93 13.21 21.25 -14.56
C TYR D 93 13.49 20.59 -13.23
N TYR D 94 13.69 19.28 -13.31
CA TYR D 94 13.98 18.48 -12.16
C TYR D 94 15.33 17.79 -12.35
N CYS D 95 16.08 17.68 -11.26
CA CYS D 95 17.24 16.80 -11.23
C CYS D 95 16.87 15.62 -10.35
N ALA D 96 17.38 14.44 -10.71
CA ALA D 96 17.11 13.20 -9.97
C ALA D 96 18.32 12.30 -9.96
N ARG D 97 18.44 11.48 -8.90
CA ARG D 97 19.48 10.45 -8.78
C ARG D 97 19.05 9.15 -9.42
N GLU D 98 19.88 8.66 -10.33
CA GLU D 98 19.74 7.34 -10.91
C GLU D 98 20.40 6.35 -9.95
N GLU D 99 19.59 5.50 -9.33
CA GLU D 99 20.05 4.44 -8.39
C GLU D 99 20.99 3.44 -9.01
N HIS D 100 21.88 2.88 -8.16
CA HIS D 100 22.68 1.70 -8.54
C HIS D 100 21.73 0.63 -9.04
N ILE D 101 22.18 -0.14 -10.01
CA ILE D 101 21.39 -1.25 -10.54
C ILE D 101 20.95 -2.17 -9.37
N THR D 102 19.65 -2.47 -9.31
CA THR D 102 19.10 -3.50 -8.39
C THR D 102 18.42 -4.58 -9.23
N PHE D 103 17.70 -5.49 -8.60
CA PHE D 103 16.92 -6.49 -9.31
C PHE D 103 15.68 -5.80 -9.97
N GLY D 104 15.78 -4.47 -10.13
CA GLY D 104 14.67 -3.64 -10.56
C GLY D 104 14.60 -3.13 -12.01
N GLY D 105 15.70 -2.80 -12.69
CA GLY D 105 17.04 -2.61 -12.13
C GLY D 105 17.37 -1.18 -11.73
N VAL D 106 17.59 -0.34 -12.75
CA VAL D 106 17.95 1.04 -12.53
C VAL D 106 16.70 1.93 -12.53
N ILE D 107 16.42 2.54 -11.38
CA ILE D 107 15.31 3.48 -11.31
C ILE D 107 15.64 4.79 -10.66
N VAL D 108 14.92 5.83 -11.07
CA VAL D 108 14.86 7.10 -10.39
C VAL D 108 13.95 6.98 -9.16
N ARG D 109 14.59 6.97 -7.99
CA ARG D 109 13.90 7.00 -6.70
C ARG D 109 13.84 8.44 -6.15
N TYR D 110 14.99 9.09 -6.02
CA TYR D 110 15.05 10.44 -5.42
C TYR D 110 15.10 11.58 -6.46
N TRP D 111 14.17 12.53 -6.32
CA TRP D 111 14.08 13.67 -7.24
C TRP D 111 14.41 14.97 -6.51
N GLY D 112 14.53 16.03 -7.27
CA GLY D 112 14.74 17.35 -6.71
C GLY D 112 13.41 18.07 -6.69
N GLN D 113 13.34 19.12 -5.88
CA GLN D 113 12.11 19.88 -5.64
C GLN D 113 11.43 20.50 -6.88
N GLY D 114 12.19 20.65 -7.98
CA GLY D 114 11.73 21.30 -9.22
C GLY D 114 12.02 22.80 -9.26
N THR D 115 12.61 23.28 -10.36
CA THR D 115 12.73 24.74 -10.62
C THR D 115 12.11 25.17 -11.96
N LEU D 116 11.36 26.28 -11.93
CA LEU D 116 10.69 26.82 -13.12
C LEU D 116 11.63 27.68 -13.98
N VAL D 117 11.49 27.56 -15.30
CA VAL D 117 12.34 28.29 -16.25
C VAL D 117 11.49 28.90 -17.35
N THR D 118 11.54 30.22 -17.50
CA THR D 118 10.76 30.95 -18.51
C THR D 118 11.65 31.56 -19.60
N VAL D 119 11.25 31.37 -20.87
CA VAL D 119 12.01 31.88 -22.03
C VAL D 119 11.29 33.10 -22.64
N SER D 120 11.62 34.29 -22.13
CA SER D 120 10.95 35.54 -22.56
C SER D 120 11.93 36.73 -22.72
N PRO D 121 11.70 37.60 -23.75
CA PRO D 121 12.47 38.87 -23.80
C PRO D 121 12.06 39.85 -22.68
N ALA D 122 10.84 39.68 -22.14
CA ALA D 122 10.25 40.54 -21.10
C ALA D 122 11.10 40.70 -19.85
N SER D 123 11.02 41.89 -19.26
CA SER D 123 11.83 42.26 -18.10
C SER D 123 11.24 41.71 -16.80
N THR D 124 12.12 41.44 -15.82
CA THR D 124 11.70 40.99 -14.50
C THR D 124 10.94 42.12 -13.84
N LYS D 125 9.68 41.87 -13.49
CA LYS D 125 8.86 42.90 -12.85
C LYS D 125 8.49 42.50 -11.43
N GLY D 126 8.46 43.48 -10.53
CA GLY D 126 8.25 43.22 -9.10
C GLY D 126 6.79 43.29 -8.70
N PRO D 127 6.33 42.34 -7.85
CA PRO D 127 4.91 42.32 -7.49
C PRO D 127 4.48 43.47 -6.58
N SER D 128 3.18 43.73 -6.62
CA SER D 128 2.54 44.62 -5.69
C SER D 128 1.48 43.82 -4.94
N VAL D 129 1.40 44.07 -3.64
CA VAL D 129 0.62 43.26 -2.71
C VAL D 129 -0.41 44.15 -2.02
N PHE D 130 -1.68 43.79 -2.10
CA PHE D 130 -2.76 44.59 -1.50
C PHE D 130 -3.59 43.70 -0.59
N PRO D 131 -4.12 44.26 0.51
CA PRO D 131 -4.90 43.44 1.42
C PRO D 131 -6.33 43.18 0.92
N LEU D 132 -6.88 42.06 1.36
CA LEU D 132 -8.30 41.76 1.17
C LEU D 132 -8.93 41.68 2.56
N ALA D 133 -9.50 42.81 2.97
CA ALA D 133 -10.12 42.99 4.29
C ALA D 133 -11.41 42.18 4.43
N PRO D 134 -11.67 41.64 5.65
CA PRO D 134 -12.91 40.86 5.89
C PRO D 134 -14.18 41.71 5.95
N THR D 143 -17.07 32.59 11.45
CA THR D 143 -16.24 32.33 10.27
C THR D 143 -16.19 33.55 9.31
N ALA D 144 -14.97 33.98 9.03
CA ALA D 144 -14.69 35.11 8.14
C ALA D 144 -13.53 34.79 7.19
N ALA D 145 -13.55 35.43 6.01
CA ALA D 145 -12.46 35.27 5.04
C ALA D 145 -11.71 36.57 4.82
N LEU D 146 -10.41 36.46 4.59
CA LEU D 146 -9.53 37.59 4.27
C LEU D 146 -8.30 37.12 3.49
N GLY D 147 -7.53 38.04 2.91
CA GLY D 147 -6.39 37.65 2.08
C GLY D 147 -5.56 38.75 1.44
N CYS D 148 -4.78 38.37 0.44
CA CYS D 148 -3.87 39.28 -0.26
C CYS D 148 -3.98 39.13 -1.75
N LEU D 149 -3.78 40.23 -2.45
CA LEU D 149 -3.71 40.22 -3.89
C LEU D 149 -2.28 40.51 -4.34
N VAL D 150 -1.59 39.45 -4.79
CA VAL D 150 -0.23 39.56 -5.36
C VAL D 150 -0.36 39.86 -6.86
N LYS D 151 -0.25 41.13 -7.23
CA LYS D 151 -0.59 41.58 -8.58
C LYS D 151 0.62 42.16 -9.31
N ASP D 152 0.59 42.04 -10.65
CA ASP D 152 1.56 42.65 -11.60
C ASP D 152 3.03 42.28 -11.39
N TYR D 153 3.36 41.03 -11.70
CA TYR D 153 4.75 40.56 -11.62
C TYR D 153 5.13 39.71 -12.83
N PHE D 154 6.43 39.46 -12.97
CA PHE D 154 6.99 38.59 -14.00
C PHE D 154 8.42 38.20 -13.59
N PRO D 155 8.79 36.92 -13.74
CA PRO D 155 7.88 35.81 -14.08
C PRO D 155 7.37 35.11 -12.80
N GLU D 156 6.82 33.91 -12.94
CA GLU D 156 6.49 33.06 -11.80
C GLU D 156 7.81 32.43 -11.27
N PRO D 157 7.89 31.99 -10.01
CA PRO D 157 6.80 31.97 -9.02
C PRO D 157 7.00 32.93 -7.83
N VAL D 158 5.97 32.98 -6.99
CA VAL D 158 5.96 33.78 -5.79
C VAL D 158 5.46 32.84 -4.70
N THR D 159 6.18 32.80 -3.58
CA THR D 159 5.73 32.04 -2.41
C THR D 159 4.82 32.96 -1.61
N VAL D 160 3.76 32.39 -1.04
CA VAL D 160 2.92 33.15 -0.13
C VAL D 160 2.66 32.34 1.15
N SER D 161 3.26 32.77 2.25
CA SER D 161 2.97 32.19 3.56
C SER D 161 2.13 33.14 4.40
N TRP D 162 1.57 32.62 5.49
CA TRP D 162 0.78 33.42 6.42
C TRP D 162 1.38 33.30 7.82
N ASN D 163 1.57 34.47 8.46
CA ASN D 163 2.23 34.57 9.78
C ASN D 163 3.51 33.72 9.85
N SER D 164 4.40 33.94 8.86
CA SER D 164 5.64 33.17 8.69
C SER D 164 5.44 31.64 8.74
N GLY D 165 4.55 31.16 7.88
CA GLY D 165 4.28 29.71 7.76
C GLY D 165 3.49 29.07 8.89
N ALA D 166 3.24 29.82 9.97
CA ALA D 166 2.50 29.34 11.12
C ALA D 166 1.08 28.94 10.72
N LEU D 167 0.38 29.86 10.06
CA LEU D 167 -1.01 29.66 9.67
C LEU D 167 -1.11 28.83 8.39
N THR D 168 -1.29 27.51 8.56
CA THR D 168 -1.38 26.54 7.47
C THR D 168 -2.83 26.24 7.09
N SER D 169 -3.65 25.96 8.11
CA SER D 169 -5.04 25.52 7.91
C SER D 169 -5.94 26.62 7.32
N GLY D 170 -6.74 26.23 6.34
CA GLY D 170 -7.68 27.13 5.68
C GLY D 170 -7.05 28.13 4.74
N VAL D 171 -5.78 27.92 4.38
CA VAL D 171 -5.07 28.79 3.42
C VAL D 171 -5.32 28.29 1.99
N HIS D 172 -5.75 29.18 1.11
CA HIS D 172 -5.87 28.87 -0.29
C HIS D 172 -5.09 29.86 -1.15
N THR D 173 -3.98 29.39 -1.71
CA THR D 173 -3.20 30.18 -2.65
C THR D 173 -3.47 29.68 -4.06
N PHE D 174 -3.97 30.59 -4.91
CA PHE D 174 -4.42 30.28 -6.27
C PHE D 174 -3.29 30.23 -7.29
N PRO D 175 -3.44 29.40 -8.34
CA PRO D 175 -2.52 29.51 -9.50
C PRO D 175 -2.62 30.88 -10.18
N ALA D 176 -1.46 31.52 -10.37
CA ALA D 176 -1.37 32.82 -11.06
C ALA D 176 -2.01 32.78 -12.46
N VAL D 177 -2.68 33.87 -12.84
CA VAL D 177 -3.23 34.04 -14.20
C VAL D 177 -2.44 35.11 -14.94
N LEU D 178 -2.22 34.89 -16.25
CA LEU D 178 -1.58 35.87 -17.13
C LEU D 178 -2.61 36.94 -17.55
N GLN D 179 -2.33 38.20 -17.25
CA GLN D 179 -3.19 39.33 -17.63
C GLN D 179 -2.74 39.89 -18.97
N SER D 180 -3.63 40.61 -19.65
CA SER D 180 -3.40 41.21 -20.98
C SER D 180 -2.11 42.04 -21.15
N SER D 181 -1.64 42.64 -20.06
CA SER D 181 -0.37 43.38 -20.05
C SER D 181 0.87 42.50 -20.20
N GLY D 182 0.70 41.18 -20.02
CA GLY D 182 1.79 40.22 -20.10
C GLY D 182 2.43 39.95 -18.75
N LEU D 183 1.71 40.31 -17.68
CA LEU D 183 2.18 40.13 -16.29
C LEU D 183 1.30 39.13 -15.49
N TYR D 184 1.82 38.63 -14.36
CA TYR D 184 1.06 37.68 -13.52
C TYR D 184 0.32 38.36 -12.38
N SER D 185 -0.81 37.76 -12.01
CA SER D 185 -1.61 38.21 -10.89
C SER D 185 -2.12 36.98 -10.17
N LEU D 186 -2.24 37.09 -8.86
CA LEU D 186 -2.69 36.01 -8.04
C LEU D 186 -3.20 36.44 -6.70
N SER D 187 -4.05 35.64 -6.10
CA SER D 187 -4.60 35.94 -4.79
C SER D 187 -4.37 34.80 -3.79
N SER D 188 -4.16 35.18 -2.53
CA SER D 188 -3.97 34.19 -1.48
C SER D 188 -4.87 34.56 -0.33
N VAL D 189 -5.82 33.68 -0.06
CA VAL D 189 -6.86 33.92 0.92
C VAL D 189 -6.82 32.89 2.04
N VAL D 190 -7.38 33.26 3.18
CA VAL D 190 -7.44 32.40 4.37
C VAL D 190 -8.81 32.54 5.05
N THR D 191 -9.32 31.43 5.59
CA THR D 191 -10.57 31.40 6.37
C THR D 191 -10.29 31.19 7.88
N VAL D 192 -10.68 32.17 8.70
CA VAL D 192 -10.48 32.14 10.18
C VAL D 192 -11.76 32.48 10.95
N PRO D 193 -11.84 32.07 12.25
CA PRO D 193 -13.03 32.39 13.08
C PRO D 193 -13.32 33.88 13.23
N SER D 194 -14.56 34.28 12.96
CA SER D 194 -15.07 35.65 13.18
C SER D 194 -15.10 36.03 14.68
N SER D 195 -15.01 35.02 15.55
CA SER D 195 -14.77 35.19 16.99
C SER D 195 -13.34 35.68 17.23
N SER D 196 -12.42 35.20 16.39
CA SER D 196 -10.98 35.42 16.56
C SER D 196 -10.45 36.51 15.61
N LEU D 197 -10.90 37.74 15.84
CA LEU D 197 -10.42 38.93 15.11
C LEU D 197 -9.92 40.07 16.03
N GLY D 198 -9.89 39.81 17.33
CA GLY D 198 -9.54 40.82 18.34
C GLY D 198 -8.08 41.17 18.37
N GLN D 200 -5.97 38.93 17.72
CA GLN D 200 -5.23 38.17 16.72
C GLN D 200 -4.84 39.01 15.50
N THR D 201 -3.55 38.97 15.18
CA THR D 201 -2.99 39.77 14.10
C THR D 201 -2.70 38.89 12.88
N TYR D 202 -3.10 39.35 11.68
CA TYR D 202 -2.93 38.57 10.44
C TYR D 202 -2.08 39.25 9.36
N ILE D 203 -0.91 38.65 9.08
CA ILE D 203 0.07 39.18 8.12
C ILE D 203 0.42 38.11 7.07
N CYS D 204 0.44 38.51 5.80
CA CYS D 204 0.82 37.61 4.70
C CYS D 204 2.24 37.90 4.15
N ASN D 205 3.03 36.84 4.02
CA ASN D 205 4.43 36.92 3.61
C ASN D 205 4.59 36.54 2.15
N VAL D 206 4.94 37.51 1.33
CA VAL D 206 5.02 37.35 -0.11
C VAL D 206 6.47 37.52 -0.55
N ASN D 207 6.98 36.53 -1.31
CA ASN D 207 8.38 36.50 -1.74
C ASN D 207 8.52 36.10 -3.22
N HIS D 208 9.03 37.03 -4.02
CA HIS D 208 9.26 36.81 -5.44
C HIS D 208 10.76 37.01 -5.65
N LYS D 209 11.47 35.89 -5.70
CA LYS D 209 12.94 35.86 -5.66
C LYS D 209 13.66 36.57 -6.85
N PRO D 210 13.18 36.35 -8.12
CA PRO D 210 13.90 36.94 -9.28
C PRO D 210 13.69 38.44 -9.45
N SER D 211 12.97 39.05 -8.51
CA SER D 211 12.90 40.52 -8.37
C SER D 211 13.39 41.01 -6.99
N ASN D 212 13.69 40.06 -6.09
CA ASN D 212 14.22 40.37 -4.74
C ASN D 212 13.16 41.07 -3.86
N THR D 213 11.89 40.87 -4.21
CA THR D 213 10.80 41.57 -3.57
C THR D 213 10.32 40.75 -2.39
N LYS D 214 11.02 40.89 -1.28
CA LYS D 214 10.60 40.31 -0.01
C LYS D 214 9.74 41.38 0.65
N VAL D 215 8.48 41.04 0.92
CA VAL D 215 7.50 42.03 1.39
C VAL D 215 6.37 41.37 2.20
N ASP D 216 6.08 41.96 3.37
CA ASP D 216 5.05 41.46 4.30
C ASP D 216 3.88 42.45 4.40
N LYS D 217 2.65 41.94 4.44
CA LYS D 217 1.45 42.80 4.52
C LYS D 217 0.48 42.36 5.60
N LYS D 218 0.16 43.29 6.51
CA LYS D 218 -0.90 43.09 7.51
C LYS D 218 -2.31 43.34 6.91
N VAL D 219 -3.21 42.39 7.17
CA VAL D 219 -4.60 42.50 6.76
C VAL D 219 -5.45 42.88 7.97
N GLU D 220 -6.13 44.02 7.88
CA GLU D 220 -7.06 44.45 8.91
C GLU D 220 -8.41 44.83 8.32
N PRO D 221 -9.50 44.71 9.11
CA PRO D 221 -10.80 45.30 8.76
C PRO D 221 -10.83 46.84 8.91
C1 NAG E . -16.14 -17.80 35.80
C2 NAG E . -16.70 -18.54 37.02
C3 NAG E . -16.03 -18.03 38.30
C4 NAG E . -14.50 -18.09 38.20
C5 NAG E . -14.03 -17.36 36.93
C6 NAG E . -12.51 -17.37 36.74
C7 NAG E . -19.03 -19.14 36.46
C8 NAG E . -20.46 -18.75 36.67
N2 NAG E . -18.14 -18.37 37.09
O3 NAG E . -16.49 -18.79 39.43
O4 NAG E . -13.96 -17.46 39.35
O5 NAG E . -14.70 -17.95 35.81
O6 NAG E . -12.15 -18.02 35.52
O7 NAG E . -18.75 -20.09 35.76
C1 NAG E . -13.26 -18.37 40.22
C2 NAG E . -12.67 -17.52 41.35
C3 NAG E . -12.13 -18.40 42.51
C4 NAG E . -13.08 -19.55 42.85
C5 NAG E . -13.51 -20.33 41.59
C6 NAG E . -14.50 -21.47 41.88
C7 NAG E . -11.87 -15.44 40.28
C8 NAG E . -10.70 -14.78 39.59
N2 NAG E . -11.66 -16.70 40.69
O3 NAG E . -12.07 -17.60 43.69
O4 NAG E . -12.49 -20.38 43.87
O5 NAG E . -14.13 -19.41 40.67
O6 NAG E . -15.57 -21.04 42.76
O7 NAG E . -12.91 -14.83 40.47
C1 NAG F . -11.64 -6.43 4.18
C2 NAG F . -12.99 -6.45 3.43
C3 NAG F . -13.56 -5.05 3.11
C4 NAG F . -13.29 -3.97 4.17
C5 NAG F . -11.90 -4.11 4.80
C6 NAG F . -11.71 -3.21 6.01
C7 NAG F . -12.27 -7.06 1.05
C8 NAG F . -11.41 -5.83 0.78
N2 NAG F . -12.92 -7.27 2.22
O3 NAG F . -14.98 -5.13 2.87
O4 NAG F . -13.45 -2.69 3.53
O5 NAG F . -11.74 -5.47 5.25
O6 NAG F . -10.30 -2.99 6.23
O7 NAG F . -12.39 -7.90 0.16
#